data_8JH5
#
_entry.id   8JH5
#
_cell.length_a   1.00
_cell.length_b   1.00
_cell.length_c   1.00
_cell.angle_alpha   90.00
_cell.angle_beta   90.00
_cell.angle_gamma   90.00
#
_symmetry.space_group_name_H-M   'P 1'
#
loop_
_entity.id
_entity.type
_entity.pdbx_description
1 polymer 'Auxin efflux carrier component 1'
2 polymer nanobody
3 non-polymer '(2S)-2-(6-methoxynaphthalen-2-yl)propanoic acid'
#
loop_
_entity_poly.entity_id
_entity_poly.type
_entity_poly.pdbx_seq_one_letter_code
_entity_poly.pdbx_strand_id
1 'polypeptide(L)'
;MITAADFYHVMTAMVPLYVAMILAYGSVKWWKIFTPDQCSGINRFVALFAVPLLSFHFIAANNPYAMNLRFLAADSLQKV
IVLSLLFLWCKLSRNGSLDWTITLFSLSTLPNTLVMGIPLLKGMYGNFSGDLMVQIVVLQCIIWYTLMLFLFEYRGAKLL
ISEQFPDTAGSIVSIHVDSDIMSLDGRQPLETEAEIKEDGKLHVTVRRSNASRSDIYSRRSQGLSATPRPSNLTNAEIYS
LQSSRNPTPRGSSFNHTDFYSMMASGGGRNSNFGPGEAVFGSKGPTPRPSNYEEDGGPAKPTAAGTAAGAGRFHYQSGGS
GGGGGAHYPAPNPGMFSPNTGGGGGTAAKGNAPVVGGKRQDGNGRDLHMFVWSSSASPVSDVFGGGGGNHHADYSTATND
HQKDVKISVPQGNSNDNQYVEREEFSFGNKDDDSKVLATDGGNNISNKTTQAKVMPPTSVMTRLILIMVWRKLIRNPNSY
SSLFGITWSLISFKWNIEMPALIAKSISILSDAGLGMAMFSLGLFMALNPRIIACGNRRAAFAAAMRFVVGPAVMLVASY
AVGLRGVLLHVAIIQAALPQGIVPFVFAKEYNVHPDILSTAVIFGMLIALPITLLYYILLGL
;
A,B
2 'polypeptide(L)'
;GSSSQVQLVESGGGLVQAGGSLRLSCAASGFPVDITWMEWYRQAPGKEREWVAAIYSSGQSTWYADSVKGRFTISRDNAK
NTVYLQMNSLKPEDTAVYYCRVKVGAWYKGQGTQVTVSAGRAG
;
C,D
#
loop_
_chem_comp.id
_chem_comp.type
_chem_comp.name
_chem_comp.formula
NPS non-polymer '(2S)-2-(6-methoxynaphthalen-2-yl)propanoic acid' 'C14 H14 O3'
#
# COMPACT_ATOMS: atom_id res chain seq x y z
N MET A 1 29.84 -8.84 -37.79
CA MET A 1 29.10 -9.76 -36.91
C MET A 1 29.26 -9.36 -35.46
N ILE A 2 28.65 -10.15 -34.57
CA ILE A 2 28.69 -9.88 -33.13
C ILE A 2 29.32 -11.07 -32.42
N THR A 3 29.43 -10.98 -31.10
CA THR A 3 29.90 -12.07 -30.27
C THR A 3 28.74 -12.65 -29.47
N ALA A 4 29.04 -13.70 -28.71
CA ALA A 4 28.08 -14.23 -27.77
C ALA A 4 28.12 -13.50 -26.42
N ALA A 5 29.16 -12.70 -26.19
CA ALA A 5 29.23 -11.96 -24.94
C ALA A 5 28.28 -10.77 -24.94
N ASP A 6 28.08 -10.16 -26.12
CA ASP A 6 27.16 -9.04 -26.23
C ASP A 6 25.72 -9.48 -25.98
N PHE A 7 25.37 -10.70 -26.39
CA PHE A 7 24.07 -11.26 -26.03
C PHE A 7 23.97 -11.51 -24.54
N TYR A 8 25.10 -11.76 -23.87
CA TYR A 8 25.07 -12.02 -22.44
C TYR A 8 24.94 -10.73 -21.64
N HIS A 9 25.57 -9.64 -22.09
CA HIS A 9 25.48 -8.38 -21.36
C HIS A 9 24.10 -7.73 -21.48
N VAL A 10 23.30 -8.10 -22.48
CA VAL A 10 21.92 -7.66 -22.53
C VAL A 10 21.11 -8.36 -21.46
N MET A 11 21.24 -9.69 -21.37
CA MET A 11 20.51 -10.48 -20.39
C MET A 11 20.97 -10.22 -18.96
N THR A 12 22.15 -9.65 -18.77
CA THR A 12 22.58 -9.28 -17.43
C THR A 12 21.77 -8.12 -16.88
N ALA A 13 21.32 -7.21 -17.74
CA ALA A 13 20.61 -6.02 -17.31
C ALA A 13 19.17 -5.97 -17.84
N MET A 14 18.60 -7.11 -18.21
CA MET A 14 17.20 -7.14 -18.61
C MET A 14 16.43 -8.22 -17.87
N VAL A 15 17.13 -9.29 -17.46
CA VAL A 15 16.49 -10.30 -16.62
C VAL A 15 16.10 -9.77 -15.24
N PRO A 16 16.90 -8.95 -14.53
CA PRO A 16 16.38 -8.38 -13.27
C PRO A 16 15.24 -7.39 -13.43
N LEU A 17 14.87 -6.98 -14.64
CA LEU A 17 13.67 -6.17 -14.78
C LEU A 17 12.41 -7.03 -14.79
N TYR A 18 12.44 -8.16 -15.51
CA TYR A 18 11.25 -9.00 -15.59
C TYR A 18 11.02 -9.83 -14.34
N VAL A 19 12.06 -10.08 -13.55
CA VAL A 19 11.87 -10.77 -12.27
C VAL A 19 11.10 -9.88 -11.31
N ALA A 20 11.36 -8.58 -11.34
CA ALA A 20 10.61 -7.63 -10.52
C ALA A 20 9.20 -7.38 -11.03
N MET A 21 8.84 -7.89 -12.21
CA MET A 21 7.51 -7.70 -12.76
C MET A 21 6.64 -8.94 -12.65
N ILE A 22 7.23 -10.13 -12.82
CA ILE A 22 6.46 -11.36 -12.71
C ILE A 22 6.02 -11.60 -11.28
N LEU A 23 6.87 -11.26 -10.30
CA LEU A 23 6.49 -11.37 -8.90
C LEU A 23 5.37 -10.41 -8.51
N ALA A 24 5.20 -9.31 -9.23
CA ALA A 24 4.06 -8.44 -8.99
C ALA A 24 2.80 -8.97 -9.67
N TYR A 25 2.94 -9.46 -10.90
CA TYR A 25 1.80 -10.03 -11.60
C TYR A 25 1.34 -11.34 -10.97
N GLY A 26 2.27 -12.12 -10.43
CA GLY A 26 1.90 -13.39 -9.84
C GLY A 26 1.20 -13.24 -8.50
N SER A 27 1.67 -12.32 -7.67
CA SER A 27 1.18 -12.19 -6.30
C SER A 27 -0.19 -11.53 -6.20
N VAL A 28 -0.89 -11.29 -7.31
CA VAL A 28 -2.26 -10.78 -7.30
C VAL A 28 -3.20 -11.76 -7.98
N LYS A 29 -2.89 -12.16 -9.21
CA LYS A 29 -3.79 -13.02 -9.95
C LYS A 29 -3.69 -14.49 -9.52
N TRP A 30 -2.49 -14.93 -9.13
CA TRP A 30 -2.29 -16.35 -8.83
C TRP A 30 -2.48 -16.65 -7.35
N TRP A 31 -1.74 -15.96 -6.48
CA TRP A 31 -1.77 -16.30 -5.06
C TRP A 31 -2.68 -15.40 -4.23
N LYS A 32 -3.09 -14.25 -4.78
CA LYS A 32 -4.05 -13.32 -4.16
C LYS A 32 -3.56 -12.83 -2.80
N ILE A 33 -2.44 -12.12 -2.82
CA ILE A 33 -1.84 -11.61 -1.59
C ILE A 33 -2.31 -10.20 -1.29
N PHE A 34 -2.23 -9.30 -2.27
CA PHE A 34 -2.60 -7.92 -2.07
C PHE A 34 -4.08 -7.69 -2.36
N THR A 35 -4.75 -7.00 -1.44
CA THR A 35 -6.06 -6.46 -1.74
C THR A 35 -5.92 -5.33 -2.74
N PRO A 36 -6.81 -5.23 -3.74
CA PRO A 36 -6.74 -4.11 -4.70
C PRO A 36 -6.93 -2.72 -4.10
N ASP A 37 -7.47 -2.61 -2.88
CA ASP A 37 -7.42 -1.34 -2.18
C ASP A 37 -6.02 -1.07 -1.65
N GLN A 38 -5.34 -2.11 -1.15
CA GLN A 38 -3.95 -1.98 -0.73
C GLN A 38 -3.00 -1.89 -1.90
N CYS A 39 -3.44 -2.26 -3.11
CA CYS A 39 -2.61 -2.12 -4.30
C CYS A 39 -2.36 -0.66 -4.64
N SER A 40 -3.28 0.23 -4.25
CA SER A 40 -3.08 1.66 -4.44
C SER A 40 -2.08 2.24 -3.48
N GLY A 41 -1.64 1.49 -2.47
CA GLY A 41 -0.64 2.01 -1.55
C GLY A 41 0.73 2.11 -2.18
N ILE A 42 1.13 1.08 -2.93
CA ILE A 42 2.44 1.10 -3.56
C ILE A 42 2.46 2.07 -4.74
N ASN A 43 1.38 2.11 -5.51
CA ASN A 43 1.28 3.05 -6.62
C ASN A 43 1.21 4.50 -6.16
N ARG A 44 0.81 4.74 -4.92
CA ARG A 44 0.91 6.08 -4.36
C ARG A 44 2.35 6.41 -3.98
N PHE A 45 3.12 5.41 -3.57
CA PHE A 45 4.50 5.63 -3.12
C PHE A 45 5.45 5.88 -4.29
N VAL A 46 5.27 5.17 -5.40
CA VAL A 46 6.21 5.27 -6.51
C VAL A 46 6.02 6.58 -7.24
N ALA A 47 4.79 7.08 -7.30
CA ALA A 47 4.53 8.33 -8.02
C ALA A 47 5.06 9.55 -7.27
N LEU A 48 5.15 9.47 -5.94
CA LEU A 48 5.52 10.64 -5.15
C LEU A 48 6.96 10.60 -4.64
N PHE A 49 7.46 9.46 -4.22
CA PHE A 49 8.75 9.41 -3.52
C PHE A 49 9.86 8.76 -4.30
N ALA A 50 9.61 7.61 -4.95
CA ALA A 50 10.70 6.88 -5.58
C ALA A 50 11.17 7.57 -6.86
N VAL A 51 10.24 7.87 -7.77
CA VAL A 51 10.54 8.44 -9.07
C VAL A 51 11.07 9.88 -9.01
N PRO A 52 10.47 10.83 -8.26
CA PRO A 52 11.07 12.18 -8.25
C PRO A 52 12.42 12.26 -7.54
N LEU A 53 12.77 11.30 -6.70
CA LEU A 53 14.12 11.22 -6.20
C LEU A 53 15.04 10.40 -7.11
N LEU A 54 14.47 9.63 -8.03
CA LEU A 54 15.30 8.91 -9.00
C LEU A 54 15.68 9.81 -10.16
N SER A 55 14.76 10.66 -10.62
CA SER A 55 15.06 11.58 -11.69
C SER A 55 15.98 12.71 -11.23
N PHE A 56 16.00 13.01 -9.92
CA PHE A 56 16.93 14.01 -9.42
C PHE A 56 18.36 13.50 -9.44
N HIS A 57 18.56 12.19 -9.30
CA HIS A 57 19.91 11.67 -9.24
C HIS A 57 20.56 11.62 -10.62
N PHE A 58 19.77 11.44 -11.67
CA PHE A 58 20.35 11.38 -13.01
C PHE A 58 20.59 12.78 -13.59
N ILE A 59 19.73 13.74 -13.28
CA ILE A 59 19.88 15.08 -13.84
C ILE A 59 21.02 15.84 -13.15
N ALA A 60 21.11 15.73 -11.83
CA ALA A 60 22.14 16.45 -11.09
C ALA A 60 23.53 15.82 -11.21
N ALA A 61 23.66 14.70 -11.91
CA ALA A 61 24.97 14.13 -12.22
C ALA A 61 25.37 14.34 -13.67
N ASN A 62 24.42 14.62 -14.55
CA ASN A 62 24.70 14.79 -15.96
C ASN A 62 25.36 16.13 -16.21
N ASN A 63 26.46 16.10 -16.95
CA ASN A 63 27.21 17.32 -17.27
C ASN A 63 26.45 18.14 -18.30
N PRO A 64 26.10 19.40 -18.01
CA PRO A 64 25.36 20.19 -18.99
C PRO A 64 26.26 20.92 -19.98
N TYR A 65 27.53 21.11 -19.63
CA TYR A 65 28.45 21.86 -20.48
C TYR A 65 29.08 21.02 -21.57
N ALA A 66 28.76 19.73 -21.64
CA ALA A 66 29.33 18.85 -22.65
C ALA A 66 28.27 17.95 -23.26
N MET A 67 27.07 18.50 -23.47
CA MET A 67 26.00 17.74 -24.09
C MET A 67 26.25 17.64 -25.59
N ASN A 68 26.00 16.45 -26.14
CA ASN A 68 26.24 16.18 -27.56
C ASN A 68 25.15 16.86 -28.36
N LEU A 69 25.40 18.12 -28.72
CA LEU A 69 24.44 18.97 -29.40
C LEU A 69 24.07 18.48 -30.80
N ARG A 70 24.86 17.60 -31.40
CA ARG A 70 24.46 17.03 -32.68
C ARG A 70 23.48 15.89 -32.50
N PHE A 71 23.62 15.13 -31.42
CA PHE A 71 22.66 14.07 -31.11
C PHE A 71 21.36 14.65 -30.57
N LEU A 72 21.44 15.82 -29.96
CA LEU A 72 20.27 16.44 -29.37
C LEU A 72 19.39 17.14 -30.39
N ALA A 73 19.89 17.33 -31.61
CA ALA A 73 19.08 17.89 -32.68
C ALA A 73 18.29 16.84 -33.44
N ALA A 74 18.85 15.64 -33.61
CA ALA A 74 18.18 14.57 -34.35
C ALA A 74 17.19 13.79 -33.51
N ASP A 75 16.86 14.27 -32.32
CA ASP A 75 15.70 13.81 -31.59
C ASP A 75 14.67 14.90 -31.39
N SER A 76 15.06 16.16 -31.54
CA SER A 76 14.12 17.26 -31.66
C SER A 76 13.67 17.48 -33.08
N LEU A 77 14.08 16.61 -34.02
CA LEU A 77 13.59 16.63 -35.38
C LEU A 77 12.58 15.53 -35.65
N GLN A 78 12.59 14.47 -34.84
CA GLN A 78 11.49 13.51 -34.88
C GLN A 78 10.19 14.13 -34.39
N LYS A 79 10.25 14.85 -33.27
CA LYS A 79 9.08 15.37 -32.58
C LYS A 79 8.55 16.65 -33.21
N VAL A 80 9.12 17.11 -34.32
CA VAL A 80 8.61 18.24 -35.07
C VAL A 80 7.99 17.81 -36.39
N ILE A 81 8.63 16.86 -37.08
CA ILE A 81 8.08 16.31 -38.31
C ILE A 81 6.77 15.57 -38.02
N VAL A 82 6.70 14.87 -36.90
CA VAL A 82 5.45 14.19 -36.53
C VAL A 82 4.41 15.21 -36.08
N LEU A 83 4.85 16.26 -35.39
CA LEU A 83 3.91 17.27 -34.89
C LEU A 83 3.41 18.19 -36.01
N SER A 84 4.18 18.36 -37.08
CA SER A 84 3.71 19.18 -38.18
C SER A 84 2.71 18.47 -39.06
N LEU A 85 2.86 17.16 -39.25
CA LEU A 85 1.94 16.43 -40.13
C LEU A 85 0.58 16.21 -39.50
N LEU A 86 0.52 16.08 -38.17
CA LEU A 86 -0.77 15.82 -37.53
C LEU A 86 -1.64 17.07 -37.46
N PHE A 87 -1.04 18.25 -37.33
CA PHE A 87 -1.83 19.48 -37.41
C PHE A 87 -2.25 19.79 -38.84
N LEU A 88 -1.55 19.21 -39.82
CA LEU A 88 -2.02 19.31 -41.20
C LEU A 88 -3.22 18.40 -41.41
N TRP A 89 -3.40 17.40 -40.55
CA TRP A 89 -4.51 16.46 -40.68
C TRP A 89 -5.77 16.99 -39.98
N CYS A 90 -5.62 17.61 -38.82
CA CYS A 90 -6.79 18.03 -38.05
C CYS A 90 -7.37 19.35 -38.54
N LYS A 91 -6.76 20.00 -39.52
CA LYS A 91 -7.26 21.27 -40.03
C LYS A 91 -7.52 21.25 -41.52
N LEU A 92 -7.39 20.11 -42.20
CA LEU A 92 -7.69 20.04 -43.62
C LEU A 92 -8.63 18.90 -43.95
N SER A 93 -8.64 17.84 -43.14
CA SER A 93 -9.47 16.69 -43.43
C SER A 93 -10.91 16.94 -43.01
N ARG A 94 -11.77 15.96 -43.28
CA ARG A 94 -13.18 16.06 -42.98
C ARG A 94 -13.56 15.41 -41.66
N ASN A 95 -12.68 14.61 -41.07
CA ASN A 95 -12.95 13.93 -39.81
C ASN A 95 -11.83 14.06 -38.80
N GLY A 96 -10.90 14.99 -39.01
CA GLY A 96 -9.79 15.16 -38.10
C GLY A 96 -10.12 16.04 -36.92
N SER A 97 -10.13 15.46 -35.73
CA SER A 97 -10.36 16.20 -34.51
C SER A 97 -9.02 16.44 -33.80
N LEU A 98 -9.10 16.98 -32.59
CA LEU A 98 -7.92 17.12 -31.75
C LEU A 98 -7.83 16.01 -30.72
N ASP A 99 -8.91 15.26 -30.51
CA ASP A 99 -8.88 14.11 -29.61
C ASP A 99 -8.10 12.94 -30.18
N TRP A 100 -7.88 12.92 -31.50
CA TRP A 100 -7.03 11.91 -32.12
C TRP A 100 -5.63 12.42 -32.44
N THR A 101 -5.40 13.72 -32.34
CA THR A 101 -4.09 14.26 -32.66
C THR A 101 -3.09 13.94 -31.56
N ILE A 102 -3.49 14.10 -30.30
CA ILE A 102 -2.56 13.90 -29.19
C ILE A 102 -2.28 12.42 -28.99
N THR A 103 -3.30 11.58 -29.17
CA THR A 103 -3.14 10.14 -28.96
C THR A 103 -2.27 9.52 -30.05
N LEU A 104 -2.35 10.01 -31.28
CA LEU A 104 -1.42 9.57 -32.32
C LEU A 104 -0.06 10.24 -32.22
N PHE A 105 0.14 11.12 -31.24
CA PHE A 105 1.44 11.72 -30.96
C PHE A 105 2.15 11.06 -29.80
N SER A 106 1.42 10.65 -28.77
CA SER A 106 2.05 9.97 -27.65
C SER A 106 2.45 8.54 -27.99
N LEU A 107 1.78 7.92 -28.95
CA LEU A 107 2.15 6.57 -29.36
C LEU A 107 3.41 6.52 -30.20
N SER A 108 3.82 7.64 -30.79
CA SER A 108 4.93 7.60 -31.74
C SER A 108 6.24 8.12 -31.18
N THR A 109 6.25 9.25 -30.47
CA THR A 109 7.51 9.92 -30.16
C THR A 109 7.74 10.09 -28.66
N LEU A 110 7.23 9.19 -27.83
CA LEU A 110 7.49 9.22 -26.39
C LEU A 110 7.75 7.83 -25.84
N PRO A 111 9.00 7.36 -25.88
CA PRO A 111 9.30 6.03 -25.37
C PRO A 111 9.45 6.00 -23.85
N ASN A 112 9.95 4.90 -23.29
CA ASN A 112 10.21 4.71 -21.84
C ASN A 112 11.64 4.77 -21.79
N THR A 113 12.18 5.88 -21.45
CA THR A 113 13.63 6.10 -21.47
C THR A 113 14.28 5.98 -20.09
N LEU A 114 13.63 6.49 -19.04
CA LEU A 114 14.26 6.56 -17.73
C LEU A 114 14.41 5.17 -17.10
N VAL A 115 13.30 4.47 -16.91
CA VAL A 115 13.32 3.23 -16.15
C VAL A 115 13.94 2.10 -16.95
N MET A 116 13.46 1.89 -18.17
CA MET A 116 13.86 0.72 -18.95
C MET A 116 14.90 1.04 -20.01
N GLY A 117 14.92 2.27 -20.53
CA GLY A 117 15.80 2.58 -21.65
C GLY A 117 17.26 2.67 -21.26
N ILE A 118 17.55 3.21 -20.08
CA ILE A 118 18.92 3.35 -19.59
C ILE A 118 19.61 2.01 -19.33
N PRO A 119 19.04 1.01 -18.62
CA PRO A 119 19.81 -0.22 -18.42
C PRO A 119 19.93 -1.09 -19.65
N LEU A 120 19.03 -0.96 -20.63
CA LEU A 120 19.14 -1.75 -21.85
C LEU A 120 20.29 -1.25 -22.71
N LEU A 121 20.30 0.04 -23.03
CA LEU A 121 21.31 0.58 -23.92
C LEU A 121 22.69 0.65 -23.27
N LYS A 122 22.75 0.67 -21.93
CA LYS A 122 24.03 0.55 -21.25
C LYS A 122 24.64 -0.82 -21.46
N GLY A 123 23.80 -1.85 -21.55
CA GLY A 123 24.26 -3.20 -21.79
C GLY A 123 24.40 -3.56 -23.26
N MET A 124 24.40 -2.59 -24.16
CA MET A 124 24.52 -2.86 -25.58
C MET A 124 25.65 -2.11 -26.25
N TYR A 125 25.94 -0.89 -25.84
CA TYR A 125 26.96 -0.07 -26.50
C TYR A 125 27.83 0.64 -25.49
N GLY A 126 28.26 -0.08 -24.47
CA GLY A 126 29.24 0.47 -23.54
C GLY A 126 28.63 1.43 -22.53
N ASN A 127 29.47 2.34 -22.04
CA ASN A 127 29.05 3.27 -21.00
C ASN A 127 28.72 4.66 -21.51
N PHE A 128 29.09 5.01 -22.75
CA PHE A 128 28.72 6.31 -23.26
C PHE A 128 27.26 6.36 -23.67
N SER A 129 26.62 5.21 -23.86
CA SER A 129 25.16 5.21 -24.03
C SER A 129 24.46 5.53 -22.73
N GLY A 130 25.09 5.22 -21.59
CA GLY A 130 24.54 5.56 -20.30
C GLY A 130 24.57 7.04 -19.99
N ASP A 131 25.31 7.84 -20.76
CA ASP A 131 25.28 9.28 -20.66
C ASP A 131 24.37 9.93 -21.68
N LEU A 132 24.22 9.31 -22.86
CA LEU A 132 23.31 9.85 -23.86
C LEU A 132 21.86 9.66 -23.45
N MET A 133 21.53 8.51 -22.87
CA MET A 133 20.17 8.24 -22.44
C MET A 133 19.73 9.10 -21.26
N VAL A 134 20.66 9.77 -20.57
CA VAL A 134 20.27 10.74 -19.57
C VAL A 134 19.98 12.08 -20.24
N GLN A 135 20.65 12.37 -21.35
CA GLN A 135 20.47 13.65 -22.05
C GLN A 135 19.16 13.75 -22.81
N ILE A 136 18.37 12.67 -22.87
CA ILE A 136 17.05 12.73 -23.48
C ILE A 136 16.02 12.81 -22.35
N VAL A 137 16.34 12.20 -21.21
CA VAL A 137 15.47 12.26 -20.04
C VAL A 137 15.33 13.70 -19.53
N VAL A 138 16.39 14.50 -19.66
CA VAL A 138 16.32 15.91 -19.27
C VAL A 138 15.36 16.67 -20.18
N LEU A 139 15.43 16.42 -21.49
CA LEU A 139 14.54 17.14 -22.41
C LEU A 139 13.10 16.66 -22.33
N GLN A 140 12.86 15.41 -21.97
CA GLN A 140 11.47 14.97 -21.83
C GLN A 140 10.83 15.58 -20.59
N CYS A 141 11.55 15.63 -19.48
CA CYS A 141 10.98 16.16 -18.25
C CYS A 141 10.98 17.67 -18.20
N ILE A 142 11.45 18.36 -19.25
CA ILE A 142 11.46 19.82 -19.22
C ILE A 142 10.84 20.44 -20.47
N ILE A 143 10.65 19.72 -21.57
CA ILE A 143 10.03 20.30 -22.76
C ILE A 143 8.85 19.46 -23.23
N TRP A 144 9.10 18.17 -23.49
CA TRP A 144 8.11 17.34 -24.17
C TRP A 144 7.11 16.69 -23.22
N TYR A 145 7.19 17.00 -21.92
CA TYR A 145 6.08 16.76 -21.00
C TYR A 145 5.40 18.07 -20.61
N THR A 146 5.79 19.15 -21.25
CA THR A 146 5.22 20.47 -21.00
C THR A 146 4.45 20.99 -22.19
N LEU A 147 4.99 20.82 -23.41
CA LEU A 147 4.24 21.13 -24.62
C LEU A 147 3.01 20.24 -24.75
N MET A 148 3.12 18.99 -24.30
CA MET A 148 1.95 18.12 -24.28
C MET A 148 0.97 18.52 -23.18
N LEU A 149 1.45 19.19 -22.13
CA LEU A 149 0.53 19.62 -21.08
C LEU A 149 -0.29 20.82 -21.52
N PHE A 150 0.22 21.63 -22.44
CA PHE A 150 -0.61 22.70 -23.01
C PHE A 150 -1.69 22.14 -23.92
N LEU A 151 -1.43 21.01 -24.59
CA LEU A 151 -2.39 20.50 -25.54
C LEU A 151 -3.58 19.81 -24.89
N PHE A 152 -3.50 19.46 -23.62
CA PHE A 152 -4.70 19.00 -22.92
C PHE A 152 -5.48 20.15 -22.31
N GLU A 153 -4.82 21.25 -21.96
CA GLU A 153 -5.54 22.41 -21.45
C GLU A 153 -6.25 23.14 -22.57
N TYR A 154 -5.61 23.26 -23.73
CA TYR A 154 -6.26 23.85 -24.90
C TYR A 154 -7.38 22.96 -25.41
N ARG A 155 -7.30 21.65 -25.16
CA ARG A 155 -8.42 20.78 -25.45
C ARG A 155 -9.58 21.06 -24.49
N GLY A 156 -9.27 21.48 -23.27
CA GLY A 156 -10.30 21.77 -22.29
C GLY A 156 -10.82 23.18 -22.34
N ALA A 157 -9.92 24.14 -22.55
CA ALA A 157 -10.33 25.55 -22.60
C ALA A 157 -11.07 25.91 -23.88
N LYS A 158 -11.11 25.02 -24.87
CA LYS A 158 -11.94 25.23 -26.04
C LYS A 158 -13.34 24.68 -25.86
N LEU A 159 -13.47 23.55 -25.13
CA LEU A 159 -14.78 22.94 -24.97
C LEU A 159 -15.68 23.75 -24.05
N LEU A 160 -15.12 24.31 -22.97
CA LEU A 160 -15.95 25.01 -21.99
C LEU A 160 -16.50 26.32 -22.54
N ILE A 161 -15.82 26.93 -23.51
CA ILE A 161 -16.33 28.15 -24.10
C ILE A 161 -17.25 27.81 -25.28
N SER A 162 -16.89 26.81 -26.09
CA SER A 162 -17.69 26.49 -27.26
C SER A 162 -18.98 25.76 -26.91
N GLU A 163 -19.06 25.09 -25.76
CA GLU A 163 -20.34 24.52 -25.36
C GLU A 163 -21.31 25.59 -24.89
N GLN A 164 -20.82 26.55 -24.11
CA GLN A 164 -21.70 27.43 -23.36
C GLN A 164 -21.61 28.89 -23.78
N PHE A 165 -20.87 29.20 -24.83
CA PHE A 165 -20.93 30.51 -25.48
C PHE A 165 -20.91 30.35 -26.99
N PRO A 166 -21.96 29.77 -27.58
CA PRO A 166 -21.90 29.48 -29.02
C PRO A 166 -22.22 30.67 -29.90
N ASP A 167 -22.81 31.73 -29.36
CA ASP A 167 -23.36 32.80 -30.16
C ASP A 167 -22.56 34.10 -30.07
N THR A 168 -21.99 34.41 -28.92
CA THR A 168 -21.27 35.66 -28.72
C THR A 168 -19.87 35.35 -28.20
N ALA A 169 -19.20 34.42 -28.87
CA ALA A 169 -17.88 33.98 -28.44
C ALA A 169 -16.77 34.95 -28.82
N GLY A 170 -17.06 35.98 -29.62
CA GLY A 170 -16.04 36.84 -30.16
C GLY A 170 -15.77 38.14 -29.43
N SER A 171 -16.48 38.43 -28.35
CA SER A 171 -16.38 39.72 -27.68
C SER A 171 -16.16 39.55 -26.18
N ILE A 172 -15.24 38.66 -25.81
CA ILE A 172 -14.89 38.42 -24.41
C ILE A 172 -13.48 38.93 -24.19
N VAL A 173 -13.27 39.68 -23.11
CA VAL A 173 -11.99 40.34 -22.88
C VAL A 173 -11.15 39.58 -21.85
N SER A 174 -11.65 39.48 -20.61
CA SER A 174 -10.90 38.82 -19.55
C SER A 174 -11.70 37.62 -19.04
N ILE A 175 -10.98 36.61 -18.55
CA ILE A 175 -11.58 35.43 -17.96
C ILE A 175 -10.97 35.24 -16.57
N HIS A 176 -11.83 35.12 -15.56
CA HIS A 176 -11.40 35.03 -14.17
C HIS A 176 -11.80 33.66 -13.63
N VAL A 177 -10.83 32.97 -13.03
CA VAL A 177 -11.06 31.62 -12.50
C VAL A 177 -10.84 31.65 -11.00
N ASP A 178 -11.81 31.16 -10.24
CA ASP A 178 -11.67 31.02 -8.80
C ASP A 178 -10.65 29.95 -8.46
N SER A 179 -10.04 30.10 -7.29
CA SER A 179 -8.97 29.19 -6.87
C SER A 179 -9.47 27.85 -6.39
N ASP A 180 -10.79 27.63 -6.35
CA ASP A 180 -11.33 26.32 -6.02
C ASP A 180 -11.02 25.32 -7.13
N ILE A 181 -11.08 25.78 -8.38
CA ILE A 181 -11.00 24.88 -9.53
C ILE A 181 -9.55 24.50 -9.76
N MET A 182 -9.30 23.20 -9.94
CA MET A 182 -7.98 22.73 -10.37
C MET A 182 -8.00 22.14 -11.77
N SER A 183 -9.17 21.80 -12.31
CA SER A 183 -9.26 21.23 -13.66
C SER A 183 -10.64 21.52 -14.22
N LEU A 184 -10.71 22.43 -15.19
CA LEU A 184 -11.95 22.68 -15.91
C LEU A 184 -12.21 21.52 -16.86
N ASP A 185 -13.04 20.60 -16.42
CA ASP A 185 -13.15 19.30 -17.06
C ASP A 185 -14.58 18.89 -17.35
N GLY A 186 -15.52 19.22 -16.46
CA GLY A 186 -16.81 18.56 -16.40
C GLY A 186 -16.90 17.56 -15.26
N ARG A 187 -15.76 17.24 -14.64
CA ARG A 187 -15.76 16.51 -13.37
C ARG A 187 -16.49 17.28 -12.29
N GLN A 188 -16.37 18.60 -12.29
CA GLN A 188 -16.98 19.54 -11.37
C GLN A 188 -18.09 20.31 -12.10
N PRO A 189 -19.10 20.80 -11.38
CA PRO A 189 -20.29 21.32 -12.08
C PRO A 189 -20.07 22.58 -12.89
N LEU A 190 -19.22 23.51 -12.42
CA LEU A 190 -18.69 24.65 -13.17
C LEU A 190 -19.81 25.58 -13.68
N GLU A 191 -20.48 26.21 -12.72
CA GLU A 191 -21.39 27.31 -13.03
C GLU A 191 -20.63 28.47 -13.66
N THR A 192 -20.89 28.75 -14.92
CA THR A 192 -20.21 29.83 -15.63
C THR A 192 -21.07 31.08 -15.63
N GLU A 193 -20.41 32.21 -15.40
CA GLU A 193 -21.09 33.48 -15.15
C GLU A 193 -20.38 34.57 -15.93
N ALA A 194 -21.15 35.46 -16.55
CA ALA A 194 -20.57 36.47 -17.43
C ALA A 194 -21.06 37.86 -17.09
N GLU A 195 -20.14 38.73 -16.67
CA GLU A 195 -20.40 40.14 -16.47
C GLU A 195 -20.60 40.82 -17.82
N ILE A 196 -21.41 41.87 -17.84
CA ILE A 196 -21.69 42.64 -19.05
C ILE A 196 -21.27 44.08 -18.81
N LYS A 197 -20.44 44.61 -19.72
CA LYS A 197 -20.01 46.00 -19.66
C LYS A 197 -20.67 46.79 -20.77
N GLU A 198 -20.27 48.05 -20.91
CA GLU A 198 -21.03 49.02 -21.69
C GLU A 198 -20.81 48.87 -23.19
N ASP A 199 -19.57 48.66 -23.62
CA ASP A 199 -19.20 48.77 -25.02
C ASP A 199 -18.84 47.42 -25.64
N GLY A 200 -19.60 46.38 -25.31
CA GLY A 200 -19.35 45.07 -25.85
C GLY A 200 -18.32 44.26 -25.10
N LYS A 201 -17.64 44.85 -24.13
CA LYS A 201 -16.73 44.09 -23.28
C LYS A 201 -17.54 43.19 -22.36
N LEU A 202 -17.01 41.99 -22.11
CA LEU A 202 -17.82 40.94 -21.49
C LEU A 202 -16.88 40.09 -20.62
N HIS A 203 -16.80 40.46 -19.34
CA HIS A 203 -16.00 39.69 -18.40
C HIS A 203 -16.71 38.38 -18.07
N VAL A 204 -15.93 37.30 -17.95
CA VAL A 204 -16.45 35.97 -17.69
C VAL A 204 -15.76 35.40 -16.46
N THR A 205 -16.55 34.95 -15.49
CA THR A 205 -16.04 34.35 -14.26
C THR A 205 -16.53 32.92 -14.15
N VAL A 206 -15.59 31.98 -14.00
CA VAL A 206 -15.91 30.56 -13.89
C VAL A 206 -15.85 30.17 -12.42
N ARG A 207 -16.90 29.53 -11.94
CA ARG A 207 -17.10 29.30 -10.51
C ARG A 207 -17.29 27.81 -10.22
N ARG A 208 -17.68 27.53 -8.98
CA ARG A 208 -18.11 26.23 -8.53
C ARG A 208 -19.59 26.30 -8.18
N SER A 209 -20.36 25.30 -8.59
CA SER A 209 -21.81 25.31 -8.43
C SER A 209 -22.22 24.47 -7.22
N ASN A 210 -23.09 25.04 -6.38
CA ASN A 210 -23.65 24.35 -5.22
C ASN A 210 -25.14 24.17 -5.41
N ALA A 211 -25.62 22.96 -5.09
CA ALA A 211 -27.03 22.54 -5.20
C ALA A 211 -27.61 22.75 -6.59
N MET A 455 -15.30 32.42 -31.75
CA MET A 455 -14.05 32.20 -31.05
C MET A 455 -13.55 33.46 -30.36
N PRO A 456 -12.91 33.32 -29.20
CA PRO A 456 -12.36 34.48 -28.50
C PRO A 456 -11.11 34.98 -29.20
N PRO A 457 -10.62 36.18 -28.86
CA PRO A 457 -9.32 36.60 -29.37
C PRO A 457 -8.20 35.73 -28.81
N THR A 458 -7.15 35.58 -29.60
CA THR A 458 -6.02 34.76 -29.18
C THR A 458 -5.18 35.42 -28.08
N SER A 459 -5.40 36.70 -27.80
CA SER A 459 -4.83 37.34 -26.62
C SER A 459 -5.65 37.11 -25.36
N VAL A 460 -6.70 36.28 -25.45
CA VAL A 460 -7.51 35.92 -24.30
C VAL A 460 -7.34 34.45 -23.95
N MET A 461 -7.31 33.58 -24.97
CA MET A 461 -7.07 32.15 -24.75
C MET A 461 -5.66 31.89 -24.24
N THR A 462 -4.70 32.75 -24.58
CA THR A 462 -3.34 32.62 -24.09
C THR A 462 -3.12 33.29 -22.73
N ARG A 463 -4.19 33.63 -22.02
CA ARG A 463 -4.13 33.95 -20.61
C ARG A 463 -4.85 32.92 -19.74
N LEU A 464 -5.99 32.42 -20.21
CA LEU A 464 -6.71 31.36 -19.51
C LEU A 464 -5.90 30.08 -19.44
N ILE A 465 -5.12 29.78 -20.47
CA ILE A 465 -4.31 28.56 -20.47
C ILE A 465 -3.16 28.69 -19.48
N LEU A 466 -2.47 29.83 -19.48
CA LEU A 466 -1.31 30.01 -18.62
C LEU A 466 -1.66 30.11 -17.14
N ILE A 467 -2.93 30.33 -16.79
CA ILE A 467 -3.35 30.16 -15.42
C ILE A 467 -3.61 28.70 -15.11
N MET A 468 -4.22 27.98 -16.04
CA MET A 468 -4.51 26.56 -15.84
C MET A 468 -3.34 25.65 -16.19
N VAL A 469 -2.14 26.21 -16.35
CA VAL A 469 -0.91 25.44 -16.41
C VAL A 469 -0.05 25.68 -15.17
N TRP A 470 -0.03 26.93 -14.69
CA TRP A 470 0.67 27.25 -13.45
C TRP A 470 0.05 26.56 -12.25
N ARG A 471 -1.24 26.23 -12.32
CA ARG A 471 -1.84 25.46 -11.23
C ARG A 471 -1.61 23.97 -11.36
N LYS A 472 -1.24 23.49 -12.55
CA LYS A 472 -0.93 22.08 -12.74
C LYS A 472 0.56 21.79 -12.70
N LEU A 473 1.39 22.82 -12.50
CA LEU A 473 2.83 22.65 -12.54
C LEU A 473 3.48 22.81 -11.18
N ILE A 474 2.88 23.58 -10.26
CA ILE A 474 3.40 23.70 -8.91
C ILE A 474 2.86 22.62 -7.98
N ARG A 475 2.00 21.74 -8.49
CA ARG A 475 1.56 20.57 -7.74
C ARG A 475 2.22 19.29 -8.20
N ASN A 476 2.76 19.26 -9.41
CA ASN A 476 3.40 18.07 -9.94
C ASN A 476 4.77 17.92 -9.31
N PRO A 477 5.08 16.80 -8.64
CA PRO A 477 6.37 16.67 -7.95
C PRO A 477 7.56 16.56 -8.89
N ASN A 478 7.36 16.09 -10.12
CA ASN A 478 8.48 15.96 -11.06
C ASN A 478 8.96 17.31 -11.56
N SER A 479 8.14 18.35 -11.46
CA SER A 479 8.59 19.69 -11.81
C SER A 479 9.53 20.26 -10.76
N TYR A 480 9.49 19.77 -9.53
CA TYR A 480 10.46 20.14 -8.52
C TYR A 480 11.70 19.25 -8.55
N SER A 481 11.68 18.17 -9.32
CA SER A 481 12.90 17.38 -9.47
C SER A 481 13.79 17.97 -10.55
N SER A 482 13.24 18.22 -11.73
CA SER A 482 14.03 18.75 -12.83
C SER A 482 14.40 20.20 -12.67
N LEU A 483 13.79 20.93 -11.73
CA LEU A 483 14.19 22.31 -11.51
C LEU A 483 15.46 22.40 -10.68
N PHE A 484 15.51 21.65 -9.58
CA PHE A 484 16.72 21.63 -8.77
C PHE A 484 17.81 20.73 -9.35
N GLY A 485 17.47 19.89 -10.32
CA GLY A 485 18.49 19.07 -10.95
C GLY A 485 19.36 19.87 -11.90
N ILE A 486 18.74 20.75 -12.70
CA ILE A 486 19.50 21.54 -13.65
C ILE A 486 20.27 22.64 -12.93
N THR A 487 19.70 23.18 -11.85
CA THR A 487 20.32 24.29 -11.13
C THR A 487 21.59 23.85 -10.42
N TRP A 488 21.58 22.65 -9.83
CA TRP A 488 22.80 22.14 -9.22
C TRP A 488 23.84 21.75 -10.27
N SER A 489 23.40 21.23 -11.42
CA SER A 489 24.34 20.78 -12.42
C SER A 489 25.02 21.91 -13.16
N LEU A 490 24.41 23.09 -13.21
CA LEU A 490 25.08 24.24 -13.81
C LEU A 490 26.08 24.86 -12.85
N ILE A 491 25.89 24.69 -11.55
CA ILE A 491 26.86 25.17 -10.56
C ILE A 491 28.02 24.21 -10.45
N SER A 492 27.72 22.91 -10.34
CA SER A 492 28.71 21.93 -9.91
C SER A 492 29.79 21.68 -10.97
N PHE A 493 29.41 21.66 -12.24
CA PHE A 493 30.36 21.34 -13.29
C PHE A 493 31.09 22.55 -13.84
N LYS A 494 31.14 23.64 -13.09
CA LYS A 494 32.01 24.76 -13.42
C LYS A 494 33.06 25.01 -12.35
N TRP A 495 32.66 25.11 -11.09
CA TRP A 495 33.60 25.29 -9.99
C TRP A 495 34.05 23.97 -9.39
N ASN A 496 33.72 22.85 -10.03
CA ASN A 496 34.17 21.50 -9.68
C ASN A 496 33.76 21.09 -8.27
N ILE A 497 32.65 21.63 -7.78
CA ILE A 497 32.16 21.25 -6.46
C ILE A 497 31.53 19.87 -6.53
N GLU A 498 31.98 18.97 -5.67
CA GLU A 498 31.37 17.66 -5.55
C GLU A 498 30.33 17.70 -4.43
N MET A 499 29.21 17.01 -4.66
CA MET A 499 28.12 17.01 -3.69
C MET A 499 28.53 16.24 -2.44
N PRO A 500 28.28 16.79 -1.25
CA PRO A 500 28.82 16.18 -0.02
C PRO A 500 28.17 14.85 0.30
N ALA A 501 28.91 14.04 1.07
CA ALA A 501 28.49 12.67 1.31
C ALA A 501 27.33 12.58 2.31
N LEU A 502 27.07 13.62 3.08
CA LEU A 502 25.91 13.60 3.97
C LEU A 502 24.62 13.75 3.17
N ILE A 503 24.65 14.49 2.07
CA ILE A 503 23.46 14.69 1.26
C ILE A 503 23.36 13.63 0.17
N ALA A 504 24.51 13.25 -0.41
CA ALA A 504 24.51 12.27 -1.50
C ALA A 504 24.07 10.89 -1.01
N LYS A 505 24.46 10.52 0.20
CA LYS A 505 23.98 9.27 0.77
C LYS A 505 22.58 9.40 1.36
N SER A 506 22.08 10.62 1.57
CA SER A 506 20.72 10.78 2.03
C SER A 506 19.72 10.53 0.91
N ILE A 507 20.10 10.79 -0.33
CA ILE A 507 19.23 10.55 -1.46
C ILE A 507 19.43 9.14 -2.01
N SER A 508 20.64 8.59 -1.91
CA SER A 508 20.94 7.28 -2.45
C SER A 508 20.35 6.13 -1.65
N ILE A 509 19.63 6.40 -0.56
CA ILE A 509 18.92 5.34 0.15
C ILE A 509 17.50 5.17 -0.39
N LEU A 510 16.91 6.21 -0.98
CA LEU A 510 15.62 6.10 -1.64
C LEU A 510 15.72 5.89 -3.14
N SER A 511 16.75 6.45 -3.78
CA SER A 511 16.88 6.33 -5.22
C SER A 511 17.27 4.92 -5.64
N ASP A 512 17.98 4.19 -4.78
CA ASP A 512 18.22 2.78 -5.06
C ASP A 512 16.98 1.93 -4.88
N ALA A 513 16.00 2.43 -4.14
CA ALA A 513 14.68 1.80 -4.05
C ALA A 513 13.72 2.34 -5.08
N GLY A 514 14.21 2.83 -6.21
CA GLY A 514 13.34 3.44 -7.19
C GLY A 514 13.17 2.62 -8.44
N LEU A 515 14.23 1.98 -8.91
CA LEU A 515 14.16 1.25 -10.17
C LEU A 515 13.51 -0.12 -9.99
N GLY A 516 13.70 -0.76 -8.84
CA GLY A 516 13.08 -2.04 -8.60
C GLY A 516 11.61 -1.91 -8.27
N MET A 517 11.27 -0.85 -7.53
CA MET A 517 9.88 -0.62 -7.17
C MET A 517 9.05 -0.15 -8.35
N ALA A 518 9.67 0.50 -9.34
CA ALA A 518 8.92 0.96 -10.51
C ALA A 518 8.49 -0.21 -11.37
N MET A 519 9.38 -1.18 -11.58
CA MET A 519 8.98 -2.41 -12.25
C MET A 519 8.09 -3.28 -11.39
N PHE A 520 8.08 -3.08 -10.08
CA PHE A 520 7.14 -3.80 -9.24
C PHE A 520 5.79 -3.12 -9.20
N SER A 521 5.76 -1.79 -9.36
CA SER A 521 4.48 -1.09 -9.46
C SER A 521 3.85 -1.27 -10.83
N LEU A 522 4.66 -1.37 -11.87
CA LEU A 522 4.13 -1.60 -13.20
C LEU A 522 3.59 -3.02 -13.35
N GLY A 523 4.16 -3.97 -12.62
CA GLY A 523 3.67 -5.33 -12.69
C GLY A 523 2.34 -5.50 -12.01
N LEU A 524 2.02 -4.64 -11.04
CA LEU A 524 0.70 -4.70 -10.43
C LEU A 524 -0.37 -4.15 -11.37
N PHE A 525 0.03 -3.27 -12.29
CA PHE A 525 -0.94 -2.63 -13.16
C PHE A 525 -1.47 -3.58 -14.23
N MET A 526 -0.68 -4.56 -14.64
CA MET A 526 -1.12 -5.50 -15.66
C MET A 526 -1.94 -6.65 -15.10
N ALA A 527 -2.47 -6.51 -13.89
CA ALA A 527 -3.46 -7.43 -13.35
C ALA A 527 -4.69 -6.74 -12.81
N LEU A 528 -4.66 -5.42 -12.63
CA LEU A 528 -5.87 -4.71 -12.21
C LEU A 528 -6.87 -4.60 -13.34
N ASN A 529 -6.40 -4.62 -14.59
CA ASN A 529 -7.31 -4.58 -15.72
C ASN A 529 -8.04 -5.90 -15.87
N PRO A 530 -9.28 -5.87 -16.36
CA PRO A 530 -9.98 -7.14 -16.62
C PRO A 530 -9.36 -7.94 -17.74
N ARG A 531 -9.01 -7.29 -18.85
CA ARG A 531 -8.41 -7.96 -19.99
C ARG A 531 -7.14 -7.21 -20.41
N ILE A 532 -6.22 -7.95 -21.01
CA ILE A 532 -5.00 -7.32 -21.54
C ILE A 532 -5.34 -6.48 -22.77
N ILE A 533 -5.96 -7.11 -23.77
CA ILE A 533 -6.42 -6.39 -24.96
C ILE A 533 -7.85 -5.93 -24.69
N ALA A 534 -8.03 -4.63 -24.51
CA ALA A 534 -9.28 -4.06 -24.01
C ALA A 534 -10.17 -3.53 -25.13
N CYS A 535 -9.65 -2.61 -25.94
CA CYS A 535 -10.47 -1.96 -26.96
C CYS A 535 -10.68 -2.82 -28.20
N GLY A 536 -9.97 -3.94 -28.32
CA GLY A 536 -10.19 -4.85 -29.43
C GLY A 536 -8.93 -5.30 -30.14
N ASN A 537 -9.02 -6.39 -30.89
CA ASN A 537 -7.90 -6.91 -31.65
C ASN A 537 -7.69 -6.17 -32.97
N ARG A 538 -8.51 -5.18 -33.28
CA ARG A 538 -8.32 -4.34 -34.46
C ARG A 538 -7.63 -3.03 -34.14
N ARG A 539 -7.41 -2.73 -32.85
CA ARG A 539 -6.69 -1.53 -32.46
C ARG A 539 -5.51 -1.82 -31.55
N ALA A 540 -5.38 -3.02 -31.01
CA ALA A 540 -4.19 -3.35 -30.24
C ALA A 540 -2.97 -3.52 -31.15
N ALA A 541 -3.18 -4.06 -32.35
CA ALA A 541 -2.10 -4.13 -33.33
C ALA A 541 -1.85 -2.78 -33.98
N PHE A 542 -2.79 -1.85 -33.88
CA PHE A 542 -2.54 -0.48 -34.32
C PHE A 542 -1.58 0.23 -33.38
N ALA A 543 -1.55 -0.16 -32.10
CA ALA A 543 -0.62 0.43 -31.15
C ALA A 543 0.81 0.06 -31.47
N ALA A 544 1.06 -1.21 -31.79
CA ALA A 544 2.39 -1.65 -32.21
C ALA A 544 2.68 -1.38 -33.67
N ALA A 545 1.83 -0.60 -34.35
CA ALA A 545 2.09 -0.14 -35.70
C ALA A 545 2.57 1.30 -35.74
N MET A 546 2.15 2.11 -34.77
CA MET A 546 2.59 3.50 -34.67
C MET A 546 3.69 3.69 -33.64
N ARG A 547 4.31 2.61 -33.19
CA ARG A 547 5.32 2.68 -32.14
C ARG A 547 6.62 2.00 -32.51
N PHE A 548 6.57 0.88 -33.23
CA PHE A 548 7.77 0.18 -33.65
C PHE A 548 8.09 0.37 -35.12
N VAL A 549 7.25 1.10 -35.87
CA VAL A 549 7.52 1.31 -37.29
C VAL A 549 7.61 2.80 -37.58
N VAL A 550 6.52 3.54 -37.34
CA VAL A 550 6.49 4.96 -37.69
C VAL A 550 7.36 5.76 -36.73
N GLY A 551 7.56 5.25 -35.52
CA GLY A 551 8.50 5.82 -34.58
C GLY A 551 9.94 5.80 -35.04
N PRO A 552 10.53 4.60 -35.22
CA PRO A 552 11.95 4.55 -35.60
C PRO A 552 12.24 5.00 -37.03
N ALA A 553 11.37 4.66 -37.99
CA ALA A 553 11.69 4.94 -39.39
C ALA A 553 11.62 6.41 -39.75
N VAL A 554 11.08 7.26 -38.89
CA VAL A 554 11.16 8.69 -39.14
C VAL A 554 12.43 9.28 -38.52
N MET A 555 13.06 8.58 -37.57
CA MET A 555 14.39 8.99 -37.14
C MET A 555 15.50 8.48 -38.05
N LEU A 556 15.21 7.48 -38.88
CA LEU A 556 16.20 7.06 -39.86
C LEU A 556 16.38 8.11 -40.95
N VAL A 557 15.37 8.93 -41.20
CA VAL A 557 15.46 10.04 -42.14
C VAL A 557 15.70 11.37 -41.44
N ALA A 558 15.54 11.42 -40.12
CA ALA A 558 15.90 12.60 -39.35
C ALA A 558 17.31 12.52 -38.79
N SER A 559 18.08 11.52 -39.20
CA SER A 559 19.48 11.40 -38.80
C SER A 559 20.45 11.58 -39.94
N TYR A 560 20.04 11.28 -41.18
CA TYR A 560 20.85 11.65 -42.33
C TYR A 560 20.95 13.15 -42.50
N ALA A 561 19.91 13.87 -42.10
CA ALA A 561 19.91 15.33 -42.25
C ALA A 561 20.88 15.98 -41.28
N VAL A 562 20.86 15.55 -40.02
CA VAL A 562 21.73 16.18 -39.02
C VAL A 562 23.16 15.70 -39.19
N GLY A 563 23.35 14.44 -39.60
CA GLY A 563 24.69 13.95 -39.85
C GLY A 563 25.22 13.00 -38.81
N LEU A 564 24.37 12.09 -38.34
CA LEU A 564 24.79 11.05 -37.41
C LEU A 564 25.06 9.77 -38.20
N ARG A 565 26.32 9.32 -38.18
CA ARG A 565 26.72 8.08 -38.80
C ARG A 565 27.48 7.22 -37.80
N GLY A 566 27.75 5.98 -38.20
CA GLY A 566 28.59 5.11 -37.42
C GLY A 566 27.92 4.50 -36.21
N VAL A 567 28.29 4.97 -35.02
CA VAL A 567 27.82 4.39 -33.78
C VAL A 567 26.63 5.17 -33.22
N LEU A 568 26.64 6.50 -33.39
CA LEU A 568 25.52 7.32 -32.96
C LEU A 568 24.24 7.05 -33.76
N LEU A 569 24.39 6.58 -35.00
CA LEU A 569 23.22 6.25 -35.80
C LEU A 569 22.50 5.03 -35.25
N HIS A 570 23.25 4.05 -34.75
CA HIS A 570 22.63 2.84 -34.22
C HIS A 570 21.97 3.10 -32.88
N VAL A 571 22.51 4.01 -32.08
CA VAL A 571 21.93 4.29 -30.77
C VAL A 571 20.69 5.16 -30.92
N ALA A 572 20.61 5.99 -31.96
CA ALA A 572 19.45 6.84 -32.15
C ALA A 572 18.25 6.04 -32.66
N ILE A 573 18.48 5.01 -33.48
CA ILE A 573 17.38 4.21 -33.99
C ILE A 573 16.81 3.31 -32.90
N ILE A 574 17.68 2.70 -32.09
CA ILE A 574 17.24 1.74 -31.09
C ILE A 574 16.48 2.43 -29.95
N GLN A 575 16.84 3.67 -29.62
CA GLN A 575 16.15 4.36 -28.54
C GLN A 575 14.77 4.87 -28.93
N ALA A 576 14.38 4.73 -30.19
CA ALA A 576 13.02 5.05 -30.60
C ALA A 576 12.12 3.83 -30.62
N ALA A 577 12.68 2.62 -30.65
CA ALA A 577 11.88 1.40 -30.64
C ALA A 577 11.63 0.87 -29.24
N LEU A 578 11.91 1.66 -28.22
CA LEU A 578 11.62 1.30 -26.84
C LEU A 578 10.10 1.29 -26.63
N PRO A 579 9.60 0.53 -25.64
CA PRO A 579 8.15 0.48 -25.41
C PRO A 579 7.62 1.79 -24.84
N GLN A 580 6.29 1.85 -24.78
CA GLN A 580 5.58 3.08 -24.46
C GLN A 580 5.82 3.50 -23.01
N GLY A 581 6.00 4.80 -22.81
CA GLY A 581 6.19 5.34 -21.48
C GLY A 581 4.92 5.32 -20.66
N ILE A 582 5.07 5.62 -19.38
CA ILE A 582 3.94 5.57 -18.46
C ILE A 582 3.38 6.98 -18.23
N VAL A 583 4.22 8.00 -18.34
CA VAL A 583 3.75 9.38 -18.19
C VAL A 583 2.73 9.79 -19.26
N PRO A 584 2.84 9.39 -20.54
CA PRO A 584 1.70 9.63 -21.45
C PRO A 584 0.43 8.86 -21.09
N PHE A 585 0.45 7.94 -20.18
CA PHE A 585 -0.80 7.35 -19.82
C PHE A 585 -1.32 8.19 -18.78
N VAL A 586 -0.55 8.63 -17.85
CA VAL A 586 -1.06 9.35 -16.69
C VAL A 586 -1.90 10.55 -17.13
N PHE A 587 -1.51 11.21 -18.22
CA PHE A 587 -2.31 12.31 -18.74
C PHE A 587 -3.64 11.83 -19.31
N ALA A 588 -3.63 10.71 -20.05
CA ALA A 588 -4.84 10.26 -20.70
C ALA A 588 -5.85 9.65 -19.72
N LYS A 589 -5.42 9.34 -18.50
CA LYS A 589 -6.36 8.85 -17.50
C LYS A 589 -7.10 10.00 -16.81
N GLU A 590 -6.45 11.13 -16.62
CA GLU A 590 -7.10 12.28 -15.98
C GLU A 590 -8.07 12.98 -16.93
N TYR A 591 -7.65 13.21 -18.16
CA TYR A 591 -8.43 14.02 -19.09
C TYR A 591 -9.38 13.20 -19.95
N ASN A 592 -9.37 11.87 -19.81
CA ASN A 592 -10.26 10.94 -20.52
C ASN A 592 -10.15 11.05 -22.04
N VAL A 593 -8.93 11.23 -22.53
CA VAL A 593 -8.67 11.25 -23.97
C VAL A 593 -8.10 9.88 -24.30
N HIS A 594 -8.99 8.95 -24.63
CA HIS A 594 -8.73 7.55 -24.96
C HIS A 594 -7.85 6.84 -23.94
N PRO A 595 -8.36 6.50 -22.75
CA PRO A 595 -7.54 5.76 -21.80
C PRO A 595 -7.40 4.29 -22.13
N ASP A 596 -8.23 3.76 -23.01
CA ASP A 596 -8.19 2.32 -23.30
C ASP A 596 -7.08 1.96 -24.28
N ILE A 597 -6.68 2.88 -25.15
CA ILE A 597 -5.64 2.57 -26.12
C ILE A 597 -4.27 2.58 -25.45
N LEU A 598 -3.98 3.64 -24.67
CA LEU A 598 -2.69 3.72 -24.01
C LEU A 598 -2.54 2.70 -22.89
N SER A 599 -3.63 2.21 -22.31
CA SER A 599 -3.53 1.13 -21.35
C SER A 599 -3.15 -0.19 -22.00
N THR A 600 -3.44 -0.34 -23.29
CA THR A 600 -3.02 -1.53 -24.03
C THR A 600 -1.56 -1.44 -24.44
N ALA A 601 -1.15 -0.28 -24.95
CA ALA A 601 0.18 -0.15 -25.55
C ALA A 601 1.30 -0.19 -24.51
N VAL A 602 1.01 0.10 -23.25
CA VAL A 602 2.04 -0.05 -22.23
C VAL A 602 2.25 -1.51 -21.86
N ILE A 603 1.16 -2.24 -21.63
CA ILE A 603 1.26 -3.62 -21.17
C ILE A 603 1.69 -4.54 -22.30
N PHE A 604 1.04 -4.44 -23.44
CA PHE A 604 1.44 -5.22 -24.61
C PHE A 604 2.79 -4.76 -25.17
N GLY A 605 3.18 -3.51 -24.90
CA GLY A 605 4.48 -3.06 -25.34
C GLY A 605 5.63 -3.68 -24.56
N MET A 606 5.40 -3.97 -23.28
CA MET A 606 6.44 -4.58 -22.46
C MET A 606 6.70 -6.03 -22.84
N LEU A 607 5.68 -6.75 -23.28
CA LEU A 607 5.82 -8.17 -23.54
C LEU A 607 6.53 -8.47 -24.86
N ILE A 608 6.63 -7.50 -25.76
CA ILE A 608 7.35 -7.67 -27.02
C ILE A 608 8.51 -6.70 -27.16
N ALA A 609 8.86 -5.98 -26.09
CA ALA A 609 9.94 -5.02 -26.17
C ALA A 609 11.29 -5.69 -26.35
N LEU A 610 11.47 -6.85 -25.72
CA LEU A 610 12.76 -7.55 -25.84
C LEU A 610 12.96 -8.21 -27.21
N PRO A 611 12.06 -9.02 -27.76
CA PRO A 611 12.38 -9.69 -29.03
C PRO A 611 12.22 -8.83 -30.27
N ILE A 612 12.02 -7.53 -30.14
CA ILE A 612 11.94 -6.62 -31.28
C ILE A 612 13.19 -5.73 -31.37
N THR A 613 13.60 -5.16 -30.24
CA THR A 613 14.83 -4.36 -30.25
C THR A 613 16.06 -5.23 -30.48
N LEU A 614 16.01 -6.51 -30.09
CA LEU A 614 17.10 -7.42 -30.41
C LEU A 614 17.18 -7.70 -31.89
N LEU A 615 16.07 -7.61 -32.62
CA LEU A 615 16.12 -7.70 -34.07
C LEU A 615 16.81 -6.48 -34.68
N TYR A 616 16.64 -5.31 -34.07
CA TYR A 616 17.33 -4.12 -34.59
C TYR A 616 18.81 -4.14 -34.25
N TYR A 617 19.22 -4.85 -33.20
CA TYR A 617 20.63 -4.97 -32.90
C TYR A 617 21.35 -5.84 -33.92
N ILE A 618 20.66 -6.85 -34.46
CA ILE A 618 21.28 -7.76 -35.42
C ILE A 618 21.32 -7.12 -36.80
N LEU A 619 20.22 -6.50 -37.22
CA LEU A 619 20.14 -5.97 -38.58
C LEU A 619 20.96 -4.70 -38.77
N LEU A 620 21.35 -4.02 -37.70
CA LEU A 620 22.27 -2.91 -37.83
C LEU A 620 23.73 -3.33 -37.75
N GLY A 621 24.01 -4.52 -37.24
CA GLY A 621 25.36 -5.02 -37.15
C GLY A 621 25.87 -5.73 -38.39
N LEU A 622 25.17 -5.58 -39.52
CA LEU A 622 25.57 -6.25 -40.74
C LEU A 622 25.77 -5.24 -41.87
N SER B 4 -23.04 41.11 -31.06
CA SER B 4 -23.15 42.40 -31.71
C SER B 4 -23.81 43.43 -30.81
N GLN B 5 -23.09 43.82 -29.75
CA GLN B 5 -23.52 44.77 -28.73
C GLN B 5 -24.83 44.34 -28.07
N VAL B 6 -24.76 43.18 -27.38
CA VAL B 6 -25.90 42.66 -26.65
C VAL B 6 -26.14 43.54 -25.42
N GLN B 7 -27.41 43.66 -25.03
CA GLN B 7 -27.79 44.69 -24.05
C GLN B 7 -28.79 44.16 -23.04
N LEU B 8 -28.49 44.37 -21.76
CA LEU B 8 -29.40 44.10 -20.66
C LEU B 8 -29.72 45.42 -19.97
N VAL B 9 -31.01 45.70 -19.78
CA VAL B 9 -31.48 46.97 -19.24
C VAL B 9 -32.29 46.69 -17.99
N GLU B 10 -31.90 47.30 -16.88
CA GLU B 10 -32.60 47.20 -15.61
C GLU B 10 -33.18 48.56 -15.23
N SER B 11 -34.34 48.54 -14.58
CA SER B 11 -35.00 49.78 -14.20
C SER B 11 -35.99 49.49 -13.07
N GLY B 12 -36.31 50.54 -12.31
CA GLY B 12 -37.37 50.50 -11.31
C GLY B 12 -36.93 50.91 -9.92
N GLY B 13 -35.65 50.72 -9.60
CA GLY B 13 -35.16 50.92 -8.25
C GLY B 13 -35.03 52.37 -7.87
N GLY B 14 -34.65 52.58 -6.61
CA GLY B 14 -34.49 53.92 -6.07
C GLY B 14 -34.52 53.89 -4.56
N LEU B 15 -34.64 55.08 -3.98
CA LEU B 15 -34.69 55.25 -2.53
C LEU B 15 -36.12 55.48 -2.09
N VAL B 16 -36.52 54.81 -1.01
CA VAL B 16 -37.88 54.90 -0.50
C VAL B 16 -37.83 54.55 0.99
N GLN B 17 -38.86 54.96 1.73
CA GLN B 17 -38.96 54.60 3.13
C GLN B 17 -39.56 53.20 3.28
N ALA B 18 -39.76 52.78 4.52
CA ALA B 18 -40.30 51.47 4.80
C ALA B 18 -41.81 51.44 4.56
N GLY B 19 -42.28 50.34 3.97
CA GLY B 19 -43.70 50.16 3.71
C GLY B 19 -44.17 50.61 2.35
N GLY B 20 -43.27 50.87 1.41
CA GLY B 20 -43.63 51.33 0.08
C GLY B 20 -43.86 50.18 -0.88
N SER B 21 -43.65 50.48 -2.16
CA SER B 21 -43.78 49.49 -3.23
C SER B 21 -42.91 49.90 -4.40
N LEU B 22 -42.20 48.94 -4.98
CA LEU B 22 -41.35 49.18 -6.13
C LEU B 22 -41.64 48.17 -7.23
N ARG B 23 -41.33 48.56 -8.46
CA ARG B 23 -41.59 47.75 -9.64
C ARG B 23 -40.29 47.60 -10.42
N LEU B 24 -39.56 46.52 -10.17
CA LEU B 24 -38.26 46.30 -10.80
C LEU B 24 -38.44 45.65 -12.16
N SER B 25 -37.42 45.84 -13.00
CA SER B 25 -37.49 45.38 -14.38
C SER B 25 -36.13 44.84 -14.82
N CYS B 26 -36.16 44.01 -15.86
CA CYS B 26 -34.94 43.48 -16.46
C CYS B 26 -35.24 43.20 -17.94
N ALA B 27 -34.83 44.12 -18.80
CA ALA B 27 -35.12 44.04 -20.23
C ALA B 27 -33.91 43.49 -20.97
N ALA B 28 -34.15 42.60 -21.93
CA ALA B 28 -33.10 41.95 -22.69
C ALA B 28 -33.35 42.10 -24.19
N SER B 29 -32.27 42.03 -24.97
CA SER B 29 -32.35 42.13 -26.41
C SER B 29 -31.10 41.51 -27.02
N GLY B 30 -31.28 40.74 -28.10
CA GLY B 30 -30.16 40.19 -28.82
C GLY B 30 -29.81 38.76 -28.44
N PHE B 31 -30.79 37.86 -28.42
CA PHE B 31 -30.55 36.47 -28.11
C PHE B 31 -31.42 35.59 -29.01
N PRO B 32 -30.94 34.38 -29.33
CA PRO B 32 -31.82 33.42 -30.02
C PRO B 32 -32.98 32.92 -29.17
N VAL B 33 -32.71 32.42 -27.97
CA VAL B 33 -33.75 31.71 -27.22
C VAL B 33 -34.16 32.50 -25.98
N ASP B 34 -33.25 32.64 -25.01
CA ASP B 34 -33.38 33.49 -23.81
C ASP B 34 -34.63 33.17 -23.00
N ILE B 35 -34.75 31.92 -22.56
CA ILE B 35 -35.88 31.55 -21.70
C ILE B 35 -35.41 30.87 -20.42
N THR B 36 -34.39 30.00 -20.55
CA THR B 36 -34.26 28.73 -19.82
C THR B 36 -34.57 28.75 -18.33
N TRP B 37 -33.79 29.48 -17.53
CA TRP B 37 -34.02 29.52 -16.08
C TRP B 37 -33.45 30.82 -15.54
N MET B 38 -34.33 31.79 -15.32
CA MET B 38 -33.96 33.13 -14.89
C MET B 38 -34.09 33.27 -13.38
N GLU B 39 -33.35 34.20 -12.80
CA GLU B 39 -33.30 34.36 -11.35
C GLU B 39 -33.37 35.83 -10.97
N TRP B 40 -33.53 36.05 -9.66
CA TRP B 40 -33.42 37.35 -9.00
C TRP B 40 -32.77 37.12 -7.66
N TYR B 41 -31.75 37.90 -7.33
CA TYR B 41 -31.06 37.70 -6.06
C TYR B 41 -30.51 39.01 -5.53
N ARG B 42 -30.25 39.01 -4.23
CA ARG B 42 -29.73 40.17 -3.53
C ARG B 42 -28.21 40.11 -3.42
N GLN B 43 -27.60 41.26 -3.16
CA GLN B 43 -26.16 41.35 -2.92
C GLN B 43 -25.95 42.34 -1.78
N ALA B 44 -25.83 41.82 -0.57
CA ALA B 44 -25.73 42.63 0.63
C ALA B 44 -24.35 43.29 0.73
N PRO B 45 -24.24 44.39 1.48
CA PRO B 45 -22.91 44.93 1.80
C PRO B 45 -22.11 44.07 2.76
N GLY B 46 -22.71 43.04 3.36
CA GLY B 46 -21.99 42.06 4.16
C GLY B 46 -21.53 40.87 3.33
N LYS B 47 -21.21 41.12 2.05
CA LYS B 47 -20.47 40.25 1.13
C LYS B 47 -21.29 39.05 0.66
N GLU B 48 -22.46 38.81 1.23
CA GLU B 48 -23.23 37.62 0.92
C GLU B 48 -24.30 37.91 -0.12
N ARG B 49 -24.93 36.84 -0.59
CA ARG B 49 -25.88 36.91 -1.69
C ARG B 49 -26.93 35.81 -1.52
N GLU B 50 -28.19 36.22 -1.36
CA GLU B 50 -29.30 35.30 -1.19
C GLU B 50 -30.15 35.27 -2.45
N TRP B 51 -30.43 34.06 -2.93
CA TRP B 51 -31.29 33.89 -4.09
C TRP B 51 -32.75 34.03 -3.68
N VAL B 52 -33.51 34.82 -4.44
CA VAL B 52 -34.82 35.29 -4.02
C VAL B 52 -35.93 34.63 -4.84
N ALA B 53 -35.97 34.87 -6.15
CA ALA B 53 -37.09 34.44 -6.97
C ALA B 53 -36.57 33.89 -8.30
N ALA B 54 -37.44 33.13 -8.97
CA ALA B 54 -37.09 32.50 -10.24
C ALA B 54 -38.36 32.20 -11.03
N ILE B 55 -38.35 32.56 -12.32
CA ILE B 55 -39.38 32.15 -13.26
C ILE B 55 -38.67 31.55 -14.47
N TYR B 56 -39.24 30.50 -15.04
CA TYR B 56 -38.54 29.76 -16.07
C TYR B 56 -39.55 29.14 -17.04
N SER B 57 -39.10 28.13 -17.79
CA SER B 57 -39.84 27.58 -18.92
C SER B 57 -41.16 26.93 -18.50
N SER B 58 -41.25 26.45 -17.26
CA SER B 58 -42.54 25.97 -16.76
C SER B 58 -43.52 27.12 -16.59
N GLY B 59 -43.10 28.17 -15.90
CA GLY B 59 -43.93 29.35 -15.68
C GLY B 59 -44.78 29.29 -14.43
N GLN B 60 -45.34 28.12 -14.13
CA GLN B 60 -46.17 27.91 -12.95
C GLN B 60 -45.37 27.32 -11.79
N SER B 61 -44.08 27.62 -11.70
CA SER B 61 -43.24 27.14 -10.62
C SER B 61 -42.22 28.21 -10.29
N THR B 62 -42.28 28.75 -9.07
CA THR B 62 -41.39 29.82 -8.62
C THR B 62 -40.64 29.33 -7.39
N TRP B 63 -39.32 29.30 -7.48
CA TRP B 63 -38.48 28.93 -6.34
C TRP B 63 -38.22 30.16 -5.49
N TYR B 64 -38.64 30.11 -4.23
CA TYR B 64 -38.50 31.23 -3.31
C TYR B 64 -37.64 30.85 -2.13
N ALA B 65 -37.31 31.84 -1.32
CA ALA B 65 -36.60 31.66 -0.07
C ALA B 65 -37.60 31.48 1.06
N ASP B 66 -37.14 31.55 2.31
CA ASP B 66 -37.99 31.41 3.47
C ASP B 66 -38.45 32.74 4.06
N SER B 67 -37.57 33.74 4.10
CA SER B 67 -37.94 35.01 4.68
C SER B 67 -38.80 35.86 3.75
N VAL B 68 -38.60 35.74 2.44
CA VAL B 68 -39.33 36.51 1.46
C VAL B 68 -40.43 35.66 0.80
N LYS B 69 -40.87 34.61 1.49
CA LYS B 69 -41.80 33.65 0.91
C LYS B 69 -43.20 34.23 0.82
N GLY B 70 -43.78 34.20 -0.38
CA GLY B 70 -45.16 34.58 -0.58
C GLY B 70 -45.48 36.05 -0.39
N ARG B 71 -44.53 36.93 -0.71
CA ARG B 71 -44.78 38.35 -0.55
C ARG B 71 -44.31 39.21 -1.72
N PHE B 72 -43.51 38.67 -2.64
CA PHE B 72 -42.95 39.42 -3.76
C PHE B 72 -43.45 38.84 -5.06
N THR B 73 -43.83 39.72 -5.99
CA THR B 73 -44.49 39.32 -7.23
C THR B 73 -43.49 39.30 -8.37
N ILE B 74 -43.39 38.15 -9.04
CA ILE B 74 -42.55 37.99 -10.22
C ILE B 74 -43.44 37.76 -11.42
N SER B 75 -43.05 38.34 -12.56
CA SER B 75 -43.84 38.22 -13.79
C SER B 75 -42.93 38.39 -14.99
N ARG B 76 -43.04 37.48 -15.95
CA ARG B 76 -42.25 37.48 -17.17
C ARG B 76 -43.12 37.88 -18.34
N ASP B 77 -42.61 38.77 -19.19
CA ASP B 77 -43.26 39.15 -20.43
C ASP B 77 -42.44 38.56 -21.58
N ASN B 78 -43.00 37.56 -22.25
CA ASN B 78 -42.28 36.88 -23.32
C ASN B 78 -42.26 37.68 -24.61
N ALA B 79 -43.13 38.68 -24.74
CA ALA B 79 -43.18 39.47 -25.97
C ALA B 79 -42.17 40.60 -25.94
N LYS B 80 -42.15 41.39 -24.87
CA LYS B 80 -41.25 42.53 -24.75
C LYS B 80 -39.85 42.14 -24.30
N ASN B 81 -39.62 40.86 -24.00
CA ASN B 81 -38.36 40.32 -23.47
C ASN B 81 -37.94 41.06 -22.20
N THR B 82 -38.86 41.08 -21.23
CA THR B 82 -38.67 41.83 -20.00
C THR B 82 -39.33 41.07 -18.86
N VAL B 83 -38.63 40.94 -17.74
CA VAL B 83 -39.17 40.31 -16.53
C VAL B 83 -39.43 41.42 -15.52
N TYR B 84 -40.65 41.49 -15.01
CA TYR B 84 -41.05 42.52 -14.06
C TYR B 84 -41.10 41.95 -12.66
N LEU B 85 -40.57 42.70 -11.69
CA LEU B 85 -40.51 42.27 -10.30
C LEU B 85 -41.20 43.32 -9.43
N GLN B 86 -42.37 42.97 -8.90
CA GLN B 86 -43.12 43.84 -8.01
C GLN B 86 -42.90 43.42 -6.57
N MET B 87 -42.46 44.36 -5.74
CA MET B 87 -42.15 44.10 -4.34
C MET B 87 -43.01 45.00 -3.46
N ASN B 88 -43.57 44.41 -2.41
CA ASN B 88 -44.50 45.12 -1.53
C ASN B 88 -44.10 44.88 -0.08
N SER B 89 -44.48 45.84 0.78
CA SER B 89 -44.17 45.87 2.22
C SER B 89 -42.65 45.79 2.45
N LEU B 90 -41.98 46.83 1.97
CA LEU B 90 -40.52 46.85 1.89
C LEU B 90 -39.92 46.98 3.27
N LYS B 91 -39.21 45.94 3.71
CA LYS B 91 -38.55 45.92 5.00
C LYS B 91 -37.35 46.86 4.98
N PRO B 92 -36.93 47.36 6.15
CA PRO B 92 -35.79 48.31 6.18
C PRO B 92 -34.44 47.70 5.83
N GLU B 93 -34.32 46.38 5.74
CA GLU B 93 -33.05 45.75 5.37
C GLU B 93 -32.92 45.53 3.86
N ASP B 94 -33.20 46.59 3.10
CA ASP B 94 -33.18 46.53 1.64
C ASP B 94 -32.24 47.58 1.07
N THR B 95 -31.14 47.84 1.77
CA THR B 95 -30.09 48.70 1.25
C THR B 95 -29.30 48.01 0.13
N ALA B 96 -29.40 46.69 0.05
CA ALA B 96 -28.66 45.89 -0.91
C ALA B 96 -29.15 46.15 -2.34
N VAL B 97 -28.32 45.72 -3.28
CA VAL B 97 -28.57 45.92 -4.71
C VAL B 97 -29.28 44.68 -5.27
N TYR B 98 -30.41 44.90 -5.93
CA TYR B 98 -31.31 43.82 -6.34
C TYR B 98 -31.37 43.81 -7.87
N TYR B 99 -30.85 42.75 -8.48
CA TYR B 99 -30.74 42.74 -9.94
C TYR B 99 -30.91 41.32 -10.48
N CYS B 100 -31.10 41.25 -11.79
CA CYS B 100 -31.52 40.05 -12.49
C CYS B 100 -30.33 39.23 -13.00
N ARG B 101 -30.60 37.95 -13.25
CA ARG B 101 -29.57 36.95 -13.55
C ARG B 101 -30.04 36.09 -14.74
N VAL B 102 -30.30 36.73 -15.87
CA VAL B 102 -30.78 36.05 -17.07
C VAL B 102 -29.77 34.98 -17.55
N LYS B 103 -30.29 33.90 -18.14
CA LYS B 103 -29.50 32.71 -18.46
C LYS B 103 -29.83 32.24 -19.87
N VAL B 104 -28.84 32.29 -20.76
CA VAL B 104 -29.02 31.90 -22.16
C VAL B 104 -28.12 30.69 -22.38
N GLY B 105 -28.04 29.82 -21.38
CA GLY B 105 -27.09 28.72 -21.36
C GLY B 105 -25.89 29.01 -20.48
N ALA B 106 -25.46 30.27 -20.45
CA ALA B 106 -24.54 30.76 -19.44
C ALA B 106 -25.19 31.99 -18.79
N TRP B 107 -24.77 32.28 -17.57
CA TRP B 107 -25.45 33.29 -16.77
C TRP B 107 -24.97 34.68 -17.14
N TYR B 108 -25.86 35.50 -17.68
CA TYR B 108 -25.58 36.89 -18.01
C TYR B 108 -26.22 37.79 -16.96
N LYS B 109 -25.53 38.89 -16.64
CA LYS B 109 -25.95 39.72 -15.52
C LYS B 109 -25.61 41.18 -15.76
N GLY B 110 -26.29 42.04 -15.01
CA GLY B 110 -26.00 43.47 -14.96
C GLY B 110 -25.78 43.94 -13.54
N GLN B 111 -25.84 45.24 -13.29
CA GLN B 111 -25.68 45.76 -11.94
C GLN B 111 -26.54 46.97 -11.61
N GLY B 112 -27.40 47.42 -12.52
CA GLY B 112 -27.95 48.76 -12.45
C GLY B 112 -29.19 49.03 -11.62
N THR B 113 -29.05 49.12 -10.30
CA THR B 113 -30.11 49.67 -9.46
C THR B 113 -29.50 50.32 -8.23
N GLN B 114 -30.34 51.07 -7.51
CA GLN B 114 -29.95 51.74 -6.27
C GLN B 114 -31.06 51.53 -5.22
N VAL B 115 -31.44 50.27 -5.03
CA VAL B 115 -32.46 49.93 -4.05
C VAL B 115 -31.92 50.18 -2.65
N THR B 116 -32.53 51.09 -1.92
CA THR B 116 -32.11 51.43 -0.57
C THR B 116 -33.32 51.89 0.22
N VAL B 117 -33.63 51.17 1.30
CA VAL B 117 -34.79 51.44 2.14
C VAL B 117 -34.30 51.83 3.53
N SER B 118 -34.70 53.01 3.98
CA SER B 118 -34.33 53.49 5.31
C SER B 118 -35.10 52.73 6.39
N SER C 4 -8.57 -41.21 37.43
CA SER C 4 -8.39 -42.51 38.07
C SER C 4 -9.34 -43.55 37.49
N GLN C 5 -9.08 -43.93 36.22
CA GLN C 5 -9.86 -44.90 35.45
C GLN C 5 -11.34 -44.48 35.36
N VAL C 6 -11.55 -43.33 34.71
CA VAL C 6 -12.90 -42.84 34.49
C VAL C 6 -13.60 -43.72 33.45
N GLN C 7 -14.92 -43.87 33.58
CA GLN C 7 -15.62 -44.90 32.83
C GLN C 7 -16.95 -44.39 32.30
N LEU C 8 -17.16 -44.60 31.00
CA LEU C 8 -18.45 -44.35 30.35
C LEU C 8 -18.98 -45.68 29.82
N VAL C 9 -20.23 -45.99 30.16
CA VAL C 9 -20.85 -47.28 29.83
C VAL C 9 -22.10 -47.01 29.00
N GLU C 10 -22.16 -47.62 27.83
CA GLU C 10 -23.30 -47.53 26.93
C GLU C 10 -23.95 -48.91 26.80
N SER C 11 -25.28 -48.91 26.67
CA SER C 11 -26.02 -50.16 26.55
C SER C 11 -27.37 -49.90 25.91
N GLY C 12 -27.94 -50.95 25.33
CA GLY C 12 -29.31 -50.94 24.82
C GLY C 12 -29.44 -51.34 23.37
N GLY C 13 -28.38 -51.12 22.57
CA GLY C 13 -28.47 -51.31 21.14
C GLY C 13 -28.48 -52.77 20.72
N GLY C 14 -28.61 -52.96 19.41
CA GLY C 14 -28.65 -54.30 18.85
C GLY C 14 -29.28 -54.28 17.47
N LEU C 15 -29.58 -55.47 16.96
CA LEU C 15 -30.18 -55.64 15.65
C LEU C 15 -31.68 -55.90 15.81
N VAL C 16 -32.47 -55.24 14.97
CA VAL C 16 -33.93 -55.35 15.05
C VAL C 16 -34.47 -55.00 13.65
N GLN C 17 -35.69 -55.44 13.37
CA GLN C 17 -36.35 -55.09 12.12
C GLN C 17 -36.99 -53.70 12.24
N ALA C 18 -37.67 -53.28 11.18
CA ALA C 18 -38.31 -51.98 11.15
C ALA C 18 -39.60 -51.99 11.96
N GLY C 19 -39.83 -50.90 12.69
CA GLY C 19 -41.03 -50.75 13.49
C GLY C 19 -40.92 -51.22 14.92
N GLY C 20 -39.71 -51.45 15.43
CA GLY C 20 -39.52 -51.91 16.79
C GLY C 20 -39.38 -50.77 17.78
N SER C 21 -38.67 -51.06 18.86
CA SER C 21 -38.39 -50.08 19.90
C SER C 21 -37.13 -50.48 20.64
N LEU C 22 -36.27 -49.50 20.90
CA LEU C 22 -35.03 -49.71 21.63
C LEU C 22 -34.89 -48.70 22.76
N ARG C 23 -34.11 -49.08 23.76
CA ARG C 23 -33.91 -48.27 24.97
C ARG C 23 -32.40 -48.11 25.17
N LEU C 24 -31.86 -47.01 24.65
CA LEU C 24 -30.43 -46.76 24.73
C LEU C 24 -30.06 -46.12 26.06
N SER C 25 -28.79 -46.28 26.43
CA SER C 25 -28.32 -45.81 27.74
C SER C 25 -26.91 -45.26 27.61
N CYS C 26 -26.55 -44.41 28.58
CA CYS C 26 -25.20 -43.86 28.66
C CYS C 26 -24.90 -43.58 30.13
N ALA C 27 -24.17 -44.50 30.77
CA ALA C 27 -23.87 -44.43 32.19
C ALA C 27 -22.48 -43.85 32.41
N ALA C 28 -22.35 -42.97 33.39
CA ALA C 28 -21.09 -42.29 33.68
C ALA C 28 -20.74 -42.45 35.16
N SER C 29 -19.44 -42.36 35.44
CA SER C 29 -18.94 -42.45 36.81
C SER C 29 -17.57 -41.79 36.88
N GLY C 30 -17.33 -41.04 37.95
CA GLY C 30 -16.02 -40.45 38.18
C GLY C 30 -15.88 -39.02 37.69
N PHE C 31 -16.81 -38.15 38.08
CA PHE C 31 -16.74 -36.75 37.70
C PHE C 31 -17.20 -35.88 38.88
N PRO C 32 -16.67 -34.66 39.00
CA PRO C 32 -17.22 -33.73 39.99
C PRO C 32 -18.63 -33.26 39.67
N VAL C 33 -18.87 -32.74 38.46
CA VAL C 33 -20.12 -32.06 38.18
C VAL C 33 -20.98 -32.86 37.20
N ASP C 34 -20.51 -32.98 35.95
CA ASP C 34 -21.09 -33.83 34.89
C ASP C 34 -22.57 -33.54 34.63
N ILE C 35 -22.87 -32.30 34.29
CA ILE C 35 -24.25 -31.96 33.94
C ILE C 35 -24.33 -31.26 32.59
N THR C 36 -23.38 -30.37 32.31
CA THR C 36 -23.56 -29.10 31.61
C THR C 36 -24.43 -29.13 30.35
N TRP C 37 -24.01 -29.84 29.30
CA TRP C 37 -24.79 -29.88 28.07
C TRP C 37 -24.45 -31.18 27.33
N MET C 38 -25.33 -32.17 27.46
CA MET C 38 -25.13 -33.51 26.91
C MET C 38 -25.85 -33.63 25.57
N GLU C 39 -25.37 -34.55 24.74
CA GLU C 39 -25.89 -34.72 23.39
C GLU C 39 -26.08 -36.19 23.05
N TRP C 40 -26.72 -36.41 21.91
CA TRP C 40 -26.86 -37.70 21.26
C TRP C 40 -26.80 -37.47 19.76
N TYR C 41 -25.96 -38.23 19.05
CA TYR C 41 -25.83 -38.00 17.62
C TYR C 41 -25.51 -39.30 16.91
N ARG C 42 -25.78 -39.31 15.61
CA ARG C 42 -25.55 -40.45 14.74
C ARG C 42 -24.19 -40.36 14.06
N GLN C 43 -23.72 -41.50 13.57
CA GLN C 43 -22.48 -41.55 12.78
C GLN C 43 -22.72 -42.53 11.64
N ALA C 44 -23.09 -42.01 10.48
CA ALA C 44 -23.44 -42.83 9.33
C ALA C 44 -22.21 -43.45 8.69
N PRO C 45 -22.38 -44.55 7.96
CA PRO C 45 -21.27 -45.06 7.13
C PRO C 45 -20.93 -44.17 5.94
N GLY C 46 -21.74 -43.17 5.64
CA GLY C 46 -21.41 -42.18 4.63
C GLY C 46 -20.69 -40.97 5.21
N LYS C 47 -19.89 -41.22 6.27
CA LYS C 47 -18.86 -40.33 6.83
C LYS C 47 -19.45 -39.13 7.60
N GLU C 48 -20.75 -38.93 7.53
CA GLU C 48 -21.37 -37.76 8.12
C GLU C 48 -21.93 -38.07 9.50
N ARG C 49 -22.36 -37.02 10.19
CA ARG C 49 -22.81 -37.11 11.58
C ARG C 49 -23.86 -36.03 11.83
N GLU C 50 -25.07 -36.47 12.19
CA GLU C 50 -26.18 -35.57 12.46
C GLU C 50 -26.47 -35.55 13.95
N TRP C 51 -26.56 -34.35 14.52
CA TRP C 51 -26.90 -34.21 15.93
C TRP C 51 -28.40 -34.38 16.12
N VAL C 52 -28.78 -35.18 17.11
CA VAL C 52 -30.15 -35.67 17.24
C VAL C 52 -30.86 -35.04 18.43
N ALA C 53 -30.37 -35.29 19.65
CA ALA C 53 -31.08 -34.88 20.85
C ALA C 53 -30.10 -34.33 21.87
N ALA C 54 -30.66 -33.58 22.83
CA ALA C 54 -29.84 -32.94 23.87
C ALA C 54 -30.71 -32.66 25.09
N ILE C 55 -30.18 -33.02 26.27
CA ILE C 55 -30.77 -32.63 27.55
C ILE C 55 -29.66 -32.02 28.38
N TYR C 56 -29.99 -30.98 29.15
CA TYR C 56 -28.95 -30.22 29.82
C TYR C 56 -29.51 -29.63 31.11
N SER C 57 -28.82 -28.62 31.64
CA SER C 57 -29.07 -28.07 32.97
C SER C 57 -30.46 -27.46 33.11
N SER C 58 -31.04 -26.98 32.00
CA SER C 58 -32.43 -26.53 32.05
C SER C 58 -33.38 -27.70 32.27
N GLY C 59 -33.25 -28.75 31.46
CA GLY C 59 -34.06 -29.94 31.58
C GLY C 59 -35.34 -29.90 30.76
N GLN C 60 -36.00 -28.73 30.72
CA GLN C 60 -37.22 -28.55 29.96
C GLN C 60 -36.96 -27.94 28.59
N SER C 61 -35.80 -28.22 28.00
CA SER C 61 -35.46 -27.71 26.67
C SER C 61 -34.63 -28.78 25.97
N THR C 62 -35.15 -29.31 24.86
CA THR C 62 -34.50 -30.35 24.09
C THR C 62 -34.30 -29.85 22.66
N TRP C 63 -33.05 -29.79 22.23
CA TRP C 63 -32.72 -29.40 20.86
C TRP C 63 -32.80 -30.63 19.96
N TYR C 64 -33.68 -30.59 18.96
CA TYR C 64 -33.89 -31.71 18.06
C TYR C 64 -33.56 -31.30 16.63
N ALA C 65 -33.56 -32.30 15.75
CA ALA C 65 -33.40 -32.09 14.33
C ALA C 65 -34.77 -31.94 13.68
N ASP C 66 -34.83 -32.01 12.35
CA ASP C 66 -36.08 -31.87 11.62
C ASP C 66 -36.70 -33.22 11.26
N SER C 67 -35.88 -34.19 10.87
CA SER C 67 -36.43 -35.49 10.46
C SER C 67 -36.84 -36.35 11.64
N VAL C 68 -36.14 -36.22 12.77
CA VAL C 68 -36.42 -37.01 13.96
C VAL C 68 -37.18 -36.19 14.99
N LYS C 69 -37.88 -35.15 14.55
CA LYS C 69 -38.52 -34.20 15.45
C LYS C 69 -39.77 -34.81 16.08
N GLY C 70 -39.83 -34.80 17.41
CA GLY C 70 -41.03 -35.20 18.13
C GLY C 70 -41.35 -36.68 18.07
N ARG C 71 -40.35 -37.53 17.99
CA ARG C 71 -40.59 -38.97 17.93
C ARG C 71 -39.69 -39.81 18.82
N PHE C 72 -38.60 -39.26 19.35
CA PHE C 72 -37.64 -40.00 20.14
C PHE C 72 -37.60 -39.42 21.55
N THR C 73 -37.56 -40.31 22.55
CA THR C 73 -37.70 -39.93 23.95
C THR C 73 -36.32 -39.88 24.61
N ILE C 74 -36.00 -38.74 25.20
CA ILE C 74 -34.76 -38.54 25.94
C ILE C 74 -35.11 -38.34 27.41
N SER C 75 -34.29 -38.91 28.30
CA SER C 75 -34.55 -38.80 29.73
C SER C 75 -33.23 -38.95 30.48
N ARG C 76 -32.98 -38.05 31.41
CA ARG C 76 -31.77 -38.03 32.22
C ARG C 76 -32.10 -38.44 33.65
N ASP C 77 -31.28 -39.32 34.21
CA ASP C 77 -31.39 -39.71 35.62
C ASP C 77 -30.19 -39.11 36.35
N ASN C 78 -30.46 -38.11 37.19
CA ASN C 78 -29.39 -37.42 37.89
C ASN C 78 -28.86 -38.22 39.07
N ALA C 79 -29.58 -39.24 39.53
CA ALA C 79 -29.13 -40.03 40.67
C ALA C 79 -28.18 -41.15 40.24
N LYS C 80 -28.58 -41.93 39.24
CA LYS C 80 -27.77 -43.05 38.77
C LYS C 80 -26.66 -42.63 37.81
N ASN C 81 -26.60 -41.33 37.45
CA ASN C 81 -25.66 -40.78 36.48
C ASN C 81 -25.76 -41.51 35.13
N THR C 82 -26.98 -41.55 34.60
CA THR C 82 -27.27 -42.29 33.38
C THR C 82 -28.35 -41.55 32.62
N VAL C 83 -28.14 -41.40 31.31
CA VAL C 83 -29.13 -40.80 30.42
C VAL C 83 -29.73 -41.90 29.57
N TYR C 84 -31.06 -42.01 29.59
CA TYR C 84 -31.77 -43.05 28.86
C TYR C 84 -32.39 -42.47 27.59
N LEU C 85 -32.27 -43.21 26.49
CA LEU C 85 -32.77 -42.78 25.19
C LEU C 85 -33.72 -43.85 24.65
N GLN C 86 -35.00 -43.52 24.62
CA GLN C 86 -36.03 -44.42 24.10
C GLN C 86 -36.40 -43.99 22.69
N MET C 87 -36.30 -44.92 21.75
CA MET C 87 -36.58 -44.65 20.34
C MET C 87 -37.70 -45.57 19.87
N ASN C 88 -38.64 -45.00 19.11
CA ASN C 88 -39.82 -45.72 18.65
C ASN C 88 -40.02 -45.48 17.17
N SER C 89 -40.69 -46.44 16.53
CA SER C 89 -40.97 -46.47 15.09
C SER C 89 -39.66 -46.36 14.27
N LEU C 90 -38.84 -47.38 14.45
CA LEU C 90 -37.47 -47.37 13.95
C LEU C 90 -37.45 -47.49 12.43
N LYS C 91 -37.00 -46.43 11.77
CA LYS C 91 -36.90 -46.40 10.32
C LYS C 91 -35.76 -47.31 9.86
N PRO C 92 -35.82 -47.81 8.60
CA PRO C 92 -34.76 -48.73 8.13
C PRO C 92 -33.40 -48.08 7.94
N GLU C 93 -33.28 -46.76 7.98
CA GLU C 93 -31.98 -46.11 7.82
C GLU C 93 -31.27 -45.88 9.16
N ASP C 94 -31.20 -46.94 9.96
CA ASP C 94 -30.62 -46.88 11.29
C ASP C 94 -29.51 -47.92 11.44
N THR C 95 -28.77 -48.15 10.37
CA THR C 95 -27.58 -48.99 10.42
C THR C 95 -26.44 -48.28 11.14
N ALA C 96 -26.52 -46.95 11.28
CA ALA C 96 -25.48 -46.15 11.87
C ALA C 96 -25.36 -46.41 13.38
N VAL C 97 -24.23 -45.97 13.93
CA VAL C 97 -23.91 -46.17 15.33
C VAL C 97 -24.36 -44.95 16.13
N TYR C 98 -25.13 -45.19 17.19
CA TYR C 98 -25.83 -44.13 17.93
C TYR C 98 -25.28 -44.12 19.35
N TYR C 99 -24.59 -43.06 19.72
CA TYR C 99 -23.92 -43.03 21.02
C TYR C 99 -23.89 -41.63 21.59
N CYS C 100 -23.54 -41.55 22.87
CA CYS C 100 -23.68 -40.35 23.69
C CYS C 100 -22.41 -39.52 23.69
N ARG C 101 -22.58 -38.24 24.05
CA ARG C 101 -21.54 -37.22 23.94
C ARG C 101 -21.52 -36.36 25.21
N VAL C 102 -21.30 -37.02 26.36
CA VAL C 102 -21.29 -36.33 27.65
C VAL C 102 -20.20 -35.25 27.70
N LYS C 103 -20.46 -34.18 28.46
CA LYS C 103 -19.63 -32.97 28.46
C LYS C 103 -19.40 -32.51 29.88
N VAL C 104 -18.14 -32.53 30.32
CA VAL C 104 -17.75 -32.16 31.67
C VAL C 104 -16.87 -30.92 31.53
N GLY C 105 -17.21 -30.05 30.58
CA GLY C 105 -16.37 -28.93 30.20
C GLY C 105 -15.60 -29.20 28.93
N ALA C 106 -15.18 -30.45 28.71
CA ALA C 106 -14.74 -30.92 27.42
C ALA C 106 -15.55 -32.15 27.07
N TRP C 107 -15.65 -32.45 25.78
CA TRP C 107 -16.56 -33.46 25.30
C TRP C 107 -15.94 -34.84 25.45
N TYR C 108 -16.54 -35.68 26.28
CA TYR C 108 -16.12 -37.06 26.46
C TYR C 108 -17.10 -37.98 25.74
N LYS C 109 -16.57 -39.07 25.17
CA LYS C 109 -17.38 -39.90 24.29
C LYS C 109 -16.94 -41.35 24.37
N GLY C 110 -17.85 -42.24 23.94
CA GLY C 110 -17.56 -43.65 23.77
C GLY C 110 -17.92 -44.11 22.37
N GLN C 111 -18.04 -45.42 22.16
CA GLN C 111 -18.40 -45.94 20.85
C GLN C 111 -19.30 -47.17 20.88
N GLY C 112 -19.73 -47.63 22.05
CA GLY C 112 -20.24 -48.98 22.19
C GLY C 112 -21.70 -49.29 21.90
N THR C 113 -22.08 -49.37 20.63
CA THR C 113 -23.38 -49.95 20.29
C THR C 113 -23.29 -50.59 18.90
N GLN C 114 -24.32 -51.36 18.56
CA GLN C 114 -24.45 -52.02 17.26
C GLN C 114 -25.87 -51.84 16.75
N VAL C 115 -26.33 -50.59 16.72
CA VAL C 115 -27.66 -50.27 16.22
C VAL C 115 -27.69 -50.49 14.72
N THR C 116 -28.54 -51.43 14.29
CA THR C 116 -28.67 -51.77 12.87
C THR C 116 -30.08 -52.25 12.61
N VAL C 117 -30.80 -51.53 11.75
CA VAL C 117 -32.20 -51.83 11.43
C VAL C 117 -32.28 -52.20 9.96
N SER C 118 -32.80 -53.40 9.68
CA SER C 118 -32.98 -53.87 8.32
C SER C 118 -34.12 -53.14 7.63
N MET D 1 42.02 9.30 23.29
CA MET D 1 40.99 10.20 22.78
C MET D 1 40.58 9.81 21.36
N ILE D 2 39.66 10.59 20.78
CA ILE D 2 39.15 10.31 19.45
C ILE D 2 39.43 11.52 18.56
N THR D 3 39.03 11.43 17.30
CA THR D 3 39.13 12.52 16.35
C THR D 3 37.75 13.08 16.07
N ALA D 4 37.71 14.14 15.25
CA ALA D 4 36.44 14.65 14.75
C ALA D 4 35.98 13.92 13.50
N ALA D 5 36.85 13.13 12.87
CA ALA D 5 36.45 12.38 11.70
C ALA D 5 35.59 11.18 12.07
N ASP D 6 35.86 10.57 13.21
CA ASP D 6 35.07 9.44 13.69
C ASP D 6 33.64 9.86 14.01
N PHE D 7 33.46 11.08 14.52
CA PHE D 7 32.12 11.62 14.69
C PHE D 7 31.45 11.87 13.35
N TYR D 8 32.23 12.14 12.30
CA TYR D 8 31.64 12.39 10.99
C TYR D 8 31.23 11.10 10.31
N HIS D 9 31.99 10.02 10.48
CA HIS D 9 31.65 8.75 9.84
C HIS D 9 30.43 8.09 10.47
N VAL D 10 30.09 8.46 11.71
CA VAL D 10 28.83 7.99 12.28
C VAL D 10 27.66 8.69 11.61
N MET D 11 27.73 10.01 11.49
CA MET D 11 26.66 10.78 10.87
C MET D 11 26.53 10.54 9.37
N THR D 12 27.56 9.97 8.74
CA THR D 12 27.44 9.62 7.33
C THR D 12 26.50 8.44 7.14
N ALA D 13 26.43 7.53 8.10
CA ALA D 13 25.61 6.33 7.98
C ALA D 13 24.50 6.26 9.02
N MET D 14 24.10 7.39 9.59
CA MET D 14 22.97 7.40 10.50
C MET D 14 21.95 8.47 10.12
N VAL D 15 22.43 9.54 9.48
CA VAL D 15 21.50 10.55 8.95
C VAL D 15 20.61 10.01 7.82
N PRO D 16 21.09 9.20 6.85
CA PRO D 16 20.12 8.62 5.89
C PRO D 16 19.14 7.61 6.48
N LEU D 17 19.28 7.20 7.74
CA LEU D 17 18.23 6.38 8.33
C LEU D 17 17.07 7.22 8.83
N TYR D 18 17.35 8.34 9.50
CA TYR D 18 16.29 9.17 10.02
C TYR D 18 15.58 10.01 8.96
N VAL D 19 16.23 10.26 7.83
CA VAL D 19 15.55 10.95 6.73
C VAL D 19 14.47 10.05 6.14
N ALA D 20 14.75 8.75 6.07
CA ALA D 20 13.74 7.80 5.59
C ALA D 20 12.66 7.52 6.61
N MET D 21 12.78 8.03 7.83
CA MET D 21 11.76 7.81 8.87
C MET D 21 10.90 9.05 9.10
N ILE D 22 11.49 10.25 9.03
CA ILE D 22 10.73 11.48 9.23
C ILE D 22 9.76 11.71 8.08
N LEU D 23 10.17 11.37 6.86
CA LEU D 23 9.28 11.47 5.70
C LEU D 23 8.11 10.50 5.77
N ALA D 24 8.24 9.40 6.50
CA ALA D 24 7.11 8.52 6.72
C ALA D 24 6.21 9.03 7.83
N TYR D 25 6.80 9.52 8.92
CA TYR D 25 6.02 10.08 10.02
C TYR D 25 5.34 11.38 9.61
N GLY D 26 5.98 12.18 8.75
CA GLY D 26 5.39 13.44 8.36
C GLY D 26 4.23 13.27 7.40
N SER D 27 4.35 12.36 6.44
CA SER D 27 3.37 12.22 5.38
C SER D 27 2.07 11.54 5.81
N VAL D 28 1.86 11.30 7.10
CA VAL D 28 0.61 10.77 7.62
C VAL D 28 -0.03 11.74 8.62
N LYS D 29 0.74 12.15 9.62
CA LYS D 29 0.18 13.00 10.67
C LYS D 29 0.11 14.46 10.23
N TRP D 30 1.04 14.92 9.42
CA TRP D 30 1.09 16.34 9.06
C TRP D 30 0.34 16.63 7.77
N TRP D 31 0.70 15.95 6.68
CA TRP D 31 0.12 16.28 5.38
C TRP D 31 -1.03 15.38 4.97
N LYS D 32 -1.19 14.22 5.63
CA LYS D 32 -2.29 13.28 5.42
C LYS D 32 -2.37 12.80 3.97
N ILE D 33 -1.31 12.10 3.56
CA ILE D 33 -1.24 11.59 2.19
C ILE D 33 -1.76 10.17 2.09
N PHE D 34 -1.31 9.29 2.97
CA PHE D 34 -1.70 7.89 2.91
C PHE D 34 -2.95 7.64 3.75
N THR D 35 -3.92 6.94 3.17
CA THR D 35 -5.01 6.39 3.95
C THR D 35 -4.47 5.25 4.82
N PRO D 36 -4.91 5.15 6.08
CA PRO D 36 -4.45 4.03 6.93
C PRO D 36 -4.85 2.64 6.45
N ASP D 37 -5.82 2.53 5.53
CA ASP D 37 -6.02 1.25 4.86
C ASP D 37 -4.93 1.00 3.84
N GLN D 38 -4.51 2.05 3.12
CA GLN D 38 -3.40 1.93 2.18
C GLN D 38 -2.06 1.86 2.90
N CYS D 39 -2.00 2.23 4.19
CA CYS D 39 -0.78 2.10 4.96
C CYS D 39 -0.40 0.64 5.17
N SER D 40 -1.38 -0.26 5.17
CA SER D 40 -1.11 -1.68 5.26
C SER D 40 -0.55 -2.26 3.97
N GLY D 41 -0.55 -1.51 2.87
CA GLY D 41 0.02 -2.01 1.65
C GLY D 41 1.54 -2.09 1.69
N ILE D 42 2.19 -1.06 2.24
CA ILE D 42 3.64 -1.06 2.31
C ILE D 42 4.13 -2.03 3.39
N ASN D 43 3.43 -2.07 4.53
CA ASN D 43 3.78 -3.02 5.58
C ASN D 43 3.56 -4.47 5.18
N ARG D 44 2.71 -4.72 4.19
CA ARG D 44 2.60 -6.06 3.62
C ARG D 44 3.79 -6.36 2.72
N PHE D 45 4.33 -5.35 2.04
CA PHE D 45 5.42 -5.56 1.10
C PHE D 45 6.75 -5.80 1.80
N VAL D 46 7.01 -5.08 2.90
CA VAL D 46 8.30 -5.18 3.55
C VAL D 46 8.43 -6.49 4.30
N ALA D 47 7.32 -7.01 4.83
CA ALA D 47 7.38 -8.25 5.59
C ALA D 47 7.59 -9.46 4.69
N LEU D 48 7.17 -9.39 3.44
CA LEU D 48 7.22 -10.55 2.55
C LEU D 48 8.34 -10.50 1.53
N PHE D 49 8.62 -9.34 0.94
CA PHE D 49 9.54 -9.29 -0.20
C PHE D 49 10.87 -8.61 0.10
N ALA D 50 10.87 -7.48 0.80
CA ALA D 50 12.11 -6.73 0.96
C ALA D 50 13.04 -7.41 1.96
N VAL D 51 12.53 -7.72 3.15
CA VAL D 51 13.34 -8.27 4.24
C VAL D 51 13.80 -9.72 3.97
N PRO D 52 12.98 -10.68 3.50
CA PRO D 52 13.55 -12.02 3.25
C PRO D 52 14.51 -12.09 2.09
N LEU D 53 14.50 -11.11 1.18
CA LEU D 53 15.56 -11.02 0.19
C LEU D 53 16.74 -10.19 0.68
N LEU D 54 16.56 -9.42 1.75
CA LEU D 54 17.69 -8.70 2.32
C LEU D 54 18.51 -9.59 3.24
N SER D 55 17.84 -10.44 4.02
CA SER D 55 18.56 -11.37 4.89
C SER D 55 19.24 -12.47 4.10
N PHE D 56 18.75 -12.78 2.89
CA PHE D 56 19.43 -13.77 2.06
C PHE D 56 20.74 -13.24 1.53
N HIS D 57 20.86 -11.93 1.33
CA HIS D 57 22.08 -11.39 0.75
C HIS D 57 23.21 -11.32 1.76
N PHE D 58 22.89 -11.16 3.05
CA PHE D 58 23.94 -11.09 4.06
C PHE D 58 24.41 -12.47 4.50
N ILE D 59 23.50 -13.46 4.53
CA ILE D 59 23.87 -14.79 4.99
C ILE D 59 24.66 -15.53 3.92
N ALA D 60 24.24 -15.43 2.66
CA ALA D 60 24.90 -16.12 1.57
C ALA D 60 26.22 -15.49 1.16
N ALA D 61 26.61 -14.36 1.76
CA ALA D 61 27.92 -13.78 1.53
C ALA D 61 28.86 -13.98 2.71
N ASN D 62 28.33 -14.28 3.89
CA ASN D 62 29.13 -14.43 5.08
C ASN D 62 29.87 -15.76 5.06
N ASN D 63 31.16 -15.73 5.31
CA ASN D 63 31.99 -16.92 5.31
C ASN D 63 31.70 -17.76 6.55
N PRO D 64 31.29 -19.02 6.42
CA PRO D 64 30.99 -19.82 7.61
C PRO D 64 32.20 -20.54 8.16
N TYR D 65 33.24 -20.71 7.35
CA TYR D 65 34.42 -21.44 7.77
C TYR D 65 35.42 -20.59 8.53
N ALA D 66 35.14 -19.31 8.74
CA ALA D 66 36.05 -18.42 9.44
C ALA D 66 35.28 -17.54 10.42
N MET D 67 34.28 -18.10 11.07
CA MET D 67 33.52 -17.36 12.07
C MET D 67 34.33 -17.24 13.35
N ASN D 68 34.29 -16.06 13.96
CA ASN D 68 35.07 -15.78 15.16
C ASN D 68 34.38 -16.47 16.33
N LEU D 69 34.77 -17.73 16.57
CA LEU D 69 34.15 -18.59 17.57
C LEU D 69 34.34 -18.10 19.00
N ARG D 70 35.29 -17.21 19.25
CA ARG D 70 35.42 -16.65 20.58
C ARG D 70 34.42 -15.51 20.80
N PHE D 71 34.13 -14.76 19.75
CA PHE D 71 33.11 -13.71 19.85
C PHE D 71 31.72 -14.31 19.84
N LEU D 72 31.56 -15.48 19.25
CA LEU D 72 30.26 -16.12 19.15
C LEU D 72 29.86 -16.83 20.43
N ALA D 73 30.79 -17.00 21.37
CA ALA D 73 30.46 -17.57 22.67
C ALA D 73 30.02 -16.53 23.68
N ALA D 74 30.58 -15.32 23.63
CA ALA D 74 30.24 -14.26 24.56
C ALA D 74 28.98 -13.49 24.18
N ASP D 75 28.23 -13.99 23.21
CA ASP D 75 26.88 -13.53 22.98
C ASP D 75 25.87 -14.65 23.19
N SER D 76 26.29 -15.90 23.18
CA SER D 76 25.49 -17.01 23.64
C SER D 76 25.63 -17.23 25.14
N LEU D 77 26.35 -16.36 25.83
CA LEU D 77 26.44 -16.38 27.28
C LEU D 77 25.60 -15.29 27.93
N GLN D 78 25.27 -14.24 27.18
CA GLN D 78 24.26 -13.28 27.64
C GLN D 78 22.89 -13.94 27.69
N LYS D 79 22.52 -14.65 26.63
CA LYS D 79 21.18 -15.19 26.46
C LYS D 79 20.95 -16.48 27.23
N VAL D 80 21.91 -16.92 28.04
CA VAL D 80 21.74 -18.06 28.91
C VAL D 80 21.68 -17.63 30.37
N ILE D 81 22.53 -16.67 30.77
CA ILE D 81 22.48 -16.12 32.13
C ILE D 81 21.16 -15.40 32.37
N VAL D 82 20.65 -14.70 31.36
CA VAL D 82 19.35 -14.05 31.51
C VAL D 82 18.23 -15.09 31.49
N LEU D 83 18.38 -16.14 30.68
CA LEU D 83 17.32 -17.15 30.59
C LEU D 83 17.32 -18.08 31.80
N SER D 84 18.44 -18.22 32.49
CA SER D 84 18.45 -19.06 33.68
C SER D 84 17.85 -18.35 34.89
N LEU D 85 18.04 -17.04 35.00
CA LEU D 85 17.53 -16.33 36.16
C LEU D 85 16.02 -16.13 36.11
N LEU D 86 15.45 -15.99 34.91
CA LEU D 86 14.02 -15.75 34.83
C LEU D 86 13.20 -17.01 35.10
N PHE D 87 13.71 -18.18 34.73
CA PHE D 87 13.04 -19.42 35.11
C PHE D 87 13.22 -19.74 36.59
N LEU D 88 14.23 -19.16 37.23
CA LEU D 88 14.33 -19.25 38.68
C LEU D 88 13.28 -18.35 39.36
N TRP D 89 12.77 -17.36 38.63
CA TRP D 89 11.80 -16.44 39.17
C TRP D 89 10.37 -16.97 39.03
N CYS D 90 10.07 -17.60 37.89
CA CYS D 90 8.70 -18.04 37.63
C CYS D 90 8.36 -19.36 38.29
N LYS D 91 9.32 -20.00 38.96
CA LYS D 91 9.07 -21.28 39.63
C LYS D 91 9.41 -21.26 41.11
N LEU D 92 9.78 -20.11 41.68
CA LEU D 92 10.05 -20.05 43.11
C LEU D 92 9.29 -18.92 43.78
N SER D 93 8.96 -17.87 43.04
CA SER D 93 8.30 -16.72 43.63
C SER D 93 6.81 -17.00 43.81
N ARG D 94 6.11 -16.03 44.38
CA ARG D 94 4.68 -16.14 44.66
C ARG D 94 3.81 -15.50 43.59
N ASN D 95 4.39 -14.69 42.70
CA ASN D 95 3.65 -14.02 41.66
C ASN D 95 4.29 -14.13 40.29
N GLY D 96 5.24 -15.05 40.12
CA GLY D 96 5.92 -15.20 38.85
C GLY D 96 5.17 -16.10 37.88
N SER D 97 4.69 -15.52 36.79
CA SER D 97 4.02 -16.26 35.75
C SER D 97 4.97 -16.49 34.59
N LEU D 98 4.44 -17.03 33.50
CA LEU D 98 5.20 -17.16 32.27
C LEU D 98 4.88 -16.05 31.28
N ASP D 99 3.79 -15.31 31.51
CA ASP D 99 3.46 -14.17 30.67
C ASP D 99 4.38 -12.98 30.90
N TRP D 100 5.09 -12.95 32.03
CA TRP D 100 6.10 -11.93 32.28
C TRP D 100 7.51 -12.43 32.03
N THR D 101 7.71 -13.72 31.84
CA THR D 101 9.06 -14.24 31.62
C THR D 101 9.55 -13.92 30.22
N ILE D 102 8.69 -14.09 29.21
CA ILE D 102 9.12 -13.88 27.83
C ILE D 102 9.26 -12.38 27.54
N THR D 103 8.39 -11.56 28.12
CA THR D 103 8.45 -10.13 27.86
C THR D 103 9.66 -9.48 28.53
N LEU D 104 10.07 -9.97 29.70
CA LEU D 104 11.32 -9.52 30.30
C LEU D 104 12.54 -10.17 29.67
N PHE D 105 12.36 -11.06 28.69
CA PHE D 105 13.46 -11.64 27.93
C PHE D 105 13.65 -10.97 26.59
N SER D 106 12.57 -10.57 25.91
CA SER D 106 12.72 -9.89 24.63
C SER D 106 13.20 -8.45 24.81
N LEU D 107 12.95 -7.83 25.96
CA LEU D 107 13.42 -6.48 26.19
C LEU D 107 14.91 -6.41 26.48
N SER D 108 15.54 -7.52 26.86
CA SER D 108 16.92 -7.48 27.30
C SER D 108 17.92 -7.97 26.28
N THR D 109 17.68 -9.10 25.63
CA THR D 109 18.72 -9.77 24.85
C THR D 109 18.36 -9.92 23.37
N LEU D 110 17.56 -9.03 22.81
CA LEU D 110 17.24 -9.08 21.38
C LEU D 110 17.25 -7.67 20.79
N PRO D 111 18.40 -7.20 20.33
CA PRO D 111 18.46 -5.86 19.74
C PRO D 111 18.03 -5.84 18.29
N ASN D 112 18.24 -4.71 17.58
CA ASN D 112 17.92 -4.53 16.15
C ASN D 112 19.23 -4.57 15.54
N THR D 113 19.61 -5.68 15.01
CA THR D 113 20.95 -5.87 14.47
C THR D 113 21.01 -5.76 12.96
N LEU D 114 20.01 -6.27 12.23
CA LEU D 114 20.09 -6.34 10.78
C LEU D 114 19.96 -4.95 10.14
N VAL D 115 18.86 -4.26 10.41
CA VAL D 115 18.56 -3.02 9.69
C VAL D 115 19.43 -1.88 10.21
N MET D 116 19.46 -1.68 11.52
CA MET D 116 20.12 -0.51 12.08
C MET D 116 21.50 -0.81 12.66
N GLY D 117 21.72 -2.04 13.13
CA GLY D 117 22.98 -2.33 13.82
C GLY D 117 24.18 -2.41 12.89
N ILE D 118 23.98 -2.93 11.68
CA ILE D 118 25.07 -3.06 10.70
C ILE D 118 25.58 -1.71 10.21
N PRO D 119 24.77 -0.73 9.77
CA PRO D 119 25.38 0.53 9.28
C PRO D 119 25.96 1.39 10.38
N LEU D 120 25.51 1.25 11.62
CA LEU D 120 26.08 2.04 12.71
C LEU D 120 27.48 1.57 13.06
N LEU D 121 27.62 0.27 13.36
CA LEU D 121 28.91 -0.26 13.78
C LEU D 121 29.93 -0.31 12.64
N LYS D 122 29.46 -0.32 11.40
CA LYS D 122 30.39 -0.20 10.27
C LYS D 122 31.00 1.19 10.22
N GLY D 123 30.26 2.20 10.63
CA GLY D 123 30.76 3.56 10.69
C GLY D 123 31.45 3.93 11.98
N MET D 124 31.81 2.96 12.81
CA MET D 124 32.48 3.23 14.08
C MET D 124 33.78 2.50 14.26
N TYR D 125 33.91 1.27 13.75
CA TYR D 125 35.11 0.47 13.98
C TYR D 125 35.53 -0.23 12.70
N GLY D 126 35.53 0.49 11.59
CA GLY D 126 36.08 -0.04 10.37
C GLY D 126 35.14 -1.01 9.67
N ASN D 127 35.72 -1.91 8.89
CA ASN D 127 34.95 -2.84 8.08
C ASN D 127 34.87 -4.25 8.68
N PHE D 128 35.69 -4.57 9.67
CA PHE D 128 35.56 -5.88 10.29
C PHE D 128 34.37 -5.95 11.23
N SER D 129 33.83 -4.82 11.66
CA SER D 129 32.57 -4.83 12.38
C SER D 129 31.41 -5.16 11.44
N GLY D 130 31.55 -4.84 10.15
CA GLY D 130 30.55 -5.20 9.17
C GLY D 130 30.47 -6.68 8.88
N ASP D 131 31.47 -7.46 9.29
CA ASP D 131 31.42 -8.91 9.20
C ASP D 131 30.98 -9.56 10.50
N LEU D 132 31.29 -8.95 11.65
CA LEU D 132 30.85 -9.51 12.93
C LEU D 132 29.35 -9.33 13.12
N MET D 133 28.81 -8.18 12.70
CA MET D 133 27.38 -7.93 12.83
C MET D 133 26.54 -8.80 11.91
N VAL D 134 27.12 -9.45 10.91
CA VAL D 134 26.39 -10.44 10.14
C VAL D 134 26.41 -11.78 10.87
N GLN D 135 27.46 -12.06 11.63
CA GLN D 135 27.58 -13.33 12.34
C GLN D 135 26.66 -13.45 13.54
N ILE D 136 25.95 -12.38 13.91
CA ILE D 136 24.96 -12.45 14.98
C ILE D 136 23.58 -12.56 14.34
N VAL D 137 23.42 -11.94 13.17
CA VAL D 137 22.17 -12.02 12.42
C VAL D 137 21.87 -13.45 12.01
N VAL D 138 22.90 -14.25 11.71
CA VAL D 138 22.70 -15.65 11.38
C VAL D 138 22.18 -16.43 12.57
N LEU D 139 22.75 -16.17 13.76
CA LEU D 139 22.30 -16.91 14.95
C LEU D 139 20.93 -16.44 15.44
N GLN D 140 20.55 -15.20 15.20
CA GLN D 140 19.21 -14.78 15.61
C GLN D 140 18.15 -15.40 14.72
N CYS D 141 18.39 -15.43 13.42
CA CYS D 141 17.39 -15.97 12.50
C CYS D 141 17.39 -17.50 12.45
N ILE D 142 18.23 -18.18 13.23
CA ILE D 142 18.25 -19.63 13.21
C ILE D 142 18.18 -20.26 14.59
N ILE D 143 18.42 -19.54 15.68
CA ILE D 143 18.31 -20.12 17.01
C ILE D 143 17.40 -19.28 17.91
N TRP D 144 17.71 -18.00 18.05
CA TRP D 144 17.05 -17.19 19.06
C TRP D 144 15.75 -16.55 18.57
N TYR D 145 15.32 -16.85 17.35
CA TYR D 145 13.94 -16.64 16.94
C TYR D 145 13.19 -17.95 16.84
N THR D 146 13.80 -19.03 17.27
CA THR D 146 13.20 -20.35 17.26
C THR D 146 12.96 -20.88 18.65
N LEU D 147 13.93 -20.71 19.56
CA LEU D 147 13.70 -21.03 20.97
C LEU D 147 12.61 -20.14 21.57
N MET D 148 12.52 -18.90 21.11
CA MET D 148 11.42 -18.05 21.55
C MET D 148 10.11 -18.46 20.92
N LEU D 149 10.14 -19.12 19.76
CA LEU D 149 8.90 -19.57 19.14
C LEU D 149 8.33 -20.78 19.86
N PHE D 150 9.16 -21.58 20.52
CA PHE D 150 8.63 -22.65 21.35
C PHE D 150 7.97 -22.11 22.62
N LEU D 151 8.47 -20.98 23.13
CA LEU D 151 7.94 -20.47 24.39
C LEU D 151 6.58 -19.80 24.25
N PHE D 152 6.16 -19.46 23.04
CA PHE D 152 4.78 -19.02 22.87
C PHE D 152 3.84 -20.17 22.61
N GLU D 153 4.33 -21.27 22.02
CA GLU D 153 3.48 -22.44 21.83
C GLU D 153 3.26 -23.18 23.14
N TYR D 154 4.31 -23.29 23.96
CA TYR D 154 4.17 -23.88 25.28
C TYR D 154 3.32 -23.00 26.19
N ARG D 155 3.28 -21.69 25.93
CA ARG D 155 2.35 -20.84 26.63
C ARG D 155 0.91 -21.13 26.20
N GLY D 156 0.73 -21.56 24.96
CA GLY D 156 -0.60 -21.84 24.45
C GLY D 156 -1.04 -23.27 24.69
N ALA D 157 -0.11 -24.23 24.53
CA ALA D 157 -0.46 -25.64 24.73
C ALA D 157 -0.63 -26.00 26.19
N LYS D 158 -0.30 -25.11 27.13
CA LYS D 158 -0.61 -25.33 28.53
C LYS D 158 -1.98 -24.80 28.90
N LEU D 159 -2.39 -23.68 28.30
CA LEU D 159 -3.67 -23.07 28.64
C LEU D 159 -4.85 -23.90 28.14
N LEU D 160 -4.74 -24.46 26.93
CA LEU D 160 -5.87 -25.17 26.34
C LEU D 160 -6.15 -26.49 27.05
N ILE D 161 -5.14 -27.09 27.68
CA ILE D 161 -5.38 -28.30 28.44
C ILE D 161 -5.77 -27.98 29.87
N SER D 162 -5.13 -26.98 30.48
CA SER D 162 -5.42 -26.66 31.87
C SER D 162 -6.76 -25.95 32.06
N GLU D 163 -7.29 -25.28 31.03
CA GLU D 163 -8.62 -24.72 31.15
C GLU D 163 -9.69 -25.81 31.09
N GLN D 164 -9.53 -26.77 30.19
CA GLN D 164 -10.62 -27.66 29.83
C GLN D 164 -10.35 -29.12 30.18
N PHE D 165 -9.26 -29.41 30.86
CA PHE D 165 -9.05 -30.73 31.47
C PHE D 165 -8.44 -30.56 32.86
N PRO D 166 -9.20 -29.99 33.82
CA PRO D 166 -8.58 -29.70 35.12
C PRO D 166 -8.52 -30.89 36.05
N ASP D 167 -9.27 -31.96 35.78
CA ASP D 167 -9.44 -33.04 36.72
C ASP D 167 -8.74 -34.33 36.33
N THR D 168 -8.65 -34.64 35.05
CA THR D 168 -8.04 -35.88 34.58
C THR D 168 -6.96 -35.55 33.56
N ALA D 169 -6.09 -34.61 33.92
CA ALA D 169 -5.04 -34.16 33.02
C ALA D 169 -3.87 -35.11 32.93
N GLY D 170 -3.81 -36.13 33.78
CA GLY D 170 -2.64 -36.99 33.88
C GLY D 170 -2.67 -38.28 33.10
N SER D 171 -3.74 -38.59 32.37
CA SER D 171 -3.87 -39.87 31.71
C SER D 171 -4.26 -39.70 30.25
N ILE D 172 -3.57 -38.80 29.55
CA ILE D 172 -3.79 -38.56 28.13
C ILE D 172 -2.57 -39.05 27.37
N VAL D 173 -2.78 -39.80 26.30
CA VAL D 173 -1.68 -40.44 25.58
C VAL D 173 -1.33 -39.67 24.31
N SER D 174 -2.26 -39.58 23.37
CA SER D 174 -1.99 -38.91 22.10
C SER D 174 -2.94 -37.73 21.94
N ILE D 175 -2.48 -36.71 21.21
CA ILE D 175 -3.27 -35.53 20.90
C ILE D 175 -3.25 -35.34 19.40
N HIS D 176 -4.44 -35.24 18.80
CA HIS D 176 -4.58 -35.14 17.35
C HIS D 176 -5.17 -33.78 17.00
N VAL D 177 -4.53 -33.07 16.08
CA VAL D 177 -4.95 -31.73 15.68
C VAL D 177 -5.33 -31.76 14.21
N ASP D 178 -6.54 -31.29 13.90
CA ASP D 178 -6.96 -31.16 12.51
C ASP D 178 -6.16 -30.07 11.80
N SER D 179 -6.05 -30.21 10.48
CA SER D 179 -5.24 -29.29 9.69
C SER D 179 -5.91 -27.95 9.44
N ASP D 180 -7.14 -27.75 9.91
CA ASP D 180 -7.78 -26.45 9.82
C ASP D 180 -7.08 -25.44 10.75
N ILE D 181 -6.65 -25.89 11.91
CA ILE D 181 -6.13 -25.00 12.95
C ILE D 181 -4.72 -24.60 12.60
N MET D 182 -4.43 -23.30 12.66
CA MET D 182 -3.06 -22.81 12.56
C MET D 182 -2.54 -22.22 13.86
N SER D 183 -3.41 -21.89 14.81
CA SER D 183 -2.99 -21.33 16.08
C SER D 183 -4.04 -21.63 17.14
N LEU D 184 -3.71 -22.53 18.05
CA LEU D 184 -4.58 -22.81 19.20
C LEU D 184 -4.46 -21.64 20.17
N ASP D 185 -5.41 -20.73 20.10
CA ASP D 185 -5.28 -19.43 20.74
C ASP D 185 -6.50 -19.04 21.56
N GLY D 186 -7.69 -19.38 21.10
CA GLY D 186 -8.91 -18.74 21.54
C GLY D 186 -9.45 -17.75 20.54
N ARG D 187 -8.65 -17.42 19.52
CA ARG D 187 -9.15 -16.69 18.36
C ARG D 187 -10.23 -17.47 17.63
N GLN D 188 -10.10 -18.79 17.60
CA GLN D 188 -11.00 -19.73 16.97
C GLN D 188 -11.73 -20.51 18.07
N PRO D 189 -12.95 -21.03 17.79
CA PRO D 189 -13.77 -21.56 18.91
C PRO D 189 -13.22 -22.82 19.57
N LEU D 190 -12.62 -23.73 18.80
CA LEU D 190 -11.83 -24.87 19.27
C LEU D 190 -12.64 -25.81 20.17
N GLU D 191 -13.63 -26.45 19.54
CA GLU D 191 -14.33 -27.56 20.18
C GLU D 191 -13.38 -28.70 20.46
N THR D 192 -13.12 -28.99 21.73
CA THR D 192 -12.20 -30.05 22.12
C THR D 192 -12.97 -31.32 22.45
N GLU D 193 -12.45 -32.45 21.98
CA GLU D 193 -13.15 -33.73 22.01
C GLU D 193 -12.18 -34.80 22.45
N ALA D 194 -12.64 -35.70 23.32
CA ALA D 194 -11.75 -36.70 23.90
C ALA D 194 -12.32 -38.10 23.76
N GLU D 195 -11.62 -38.95 23.02
CA GLU D 195 -11.93 -40.37 22.94
C GLU D 195 -11.59 -41.04 24.25
N ILE D 196 -12.31 -42.11 24.58
CA ILE D 196 -12.08 -42.88 25.80
C ILE D 196 -11.76 -44.31 25.41
N LYS D 197 -10.64 -44.83 25.93
CA LYS D 197 -10.25 -46.21 25.70
C LYS D 197 -10.42 -47.01 26.98
N GLU D 198 -9.98 -48.27 26.95
CA GLU D 198 -10.38 -49.24 27.97
C GLU D 198 -9.59 -49.08 29.26
N ASP D 199 -8.28 -48.87 29.18
CA ASP D 199 -7.39 -48.96 30.33
C ASP D 199 -6.84 -47.61 30.76
N GLY D 200 -7.69 -46.58 30.77
CA GLY D 200 -7.26 -45.26 31.16
C GLY D 200 -6.61 -44.44 30.07
N LYS D 201 -6.35 -45.02 28.91
CA LYS D 201 -5.86 -44.26 27.77
C LYS D 201 -6.96 -43.37 27.24
N LEU D 202 -6.59 -42.15 26.81
CA LEU D 202 -7.58 -41.11 26.56
C LEU D 202 -7.07 -40.27 25.40
N HIS D 203 -7.49 -40.63 24.18
CA HIS D 203 -7.13 -39.85 23.01
C HIS D 203 -7.92 -38.56 22.98
N VAL D 204 -7.27 -37.47 22.57
CA VAL D 204 -7.87 -36.14 22.54
C VAL D 204 -7.72 -35.58 21.14
N THR D 205 -8.83 -35.13 20.55
CA THR D 205 -8.83 -34.53 19.23
C THR D 205 -9.34 -33.10 19.31
N VAL D 206 -8.55 -32.16 18.82
CA VAL D 206 -8.90 -30.73 18.85
C VAL D 206 -9.43 -30.35 17.47
N ARG D 207 -10.59 -29.72 17.43
CA ARG D 207 -11.32 -29.49 16.20
C ARG D 207 -11.64 -28.01 16.00
N ARG D 208 -12.48 -27.75 15.01
CA ARG D 208 -13.07 -26.44 14.78
C ARG D 208 -14.57 -26.53 15.02
N SER D 209 -15.13 -25.54 15.70
CA SER D 209 -16.53 -25.57 16.11
C SER D 209 -17.39 -24.74 15.16
N ASN D 210 -18.50 -25.32 14.72
CA ASN D 210 -19.47 -24.65 13.87
C ASN D 210 -20.78 -24.47 14.62
N ALA D 211 -21.36 -23.27 14.52
CA ALA D 211 -22.62 -22.87 15.17
C ALA D 211 -22.62 -23.09 16.67
N MET D 455 -1.41 -32.55 35.08
CA MET D 455 -0.52 -32.31 33.94
C MET D 455 -0.31 -33.58 33.11
N PRO D 456 -0.18 -33.42 31.80
CA PRO D 456 0.07 -34.58 30.93
C PRO D 456 1.51 -35.07 31.09
N PRO D 457 1.83 -36.25 30.59
CA PRO D 457 3.24 -36.66 30.55
C PRO D 457 4.04 -35.78 29.60
N THR D 458 5.32 -35.61 29.92
CA THR D 458 6.18 -34.78 29.09
C THR D 458 6.54 -35.43 27.77
N SER D 459 6.25 -36.71 27.57
CA SER D 459 6.33 -37.34 26.27
C SER D 459 5.08 -37.12 25.43
N VAL D 460 4.13 -36.31 25.91
CA VAL D 460 2.93 -35.96 25.18
C VAL D 460 2.94 -34.49 24.80
N MET D 461 3.35 -33.62 25.72
CA MET D 461 3.47 -32.19 25.42
C MET D 461 4.58 -31.91 24.41
N THR D 462 5.60 -32.76 24.34
CA THR D 462 6.67 -32.61 23.36
C THR D 462 6.34 -33.27 22.03
N ARG D 463 5.08 -33.63 21.80
CA ARG D 463 4.59 -33.96 20.47
C ARG D 463 3.58 -32.94 19.95
N LEU D 464 2.71 -32.46 20.82
CA LEU D 464 1.76 -31.40 20.46
C LEU D 464 2.47 -30.11 20.09
N ILE D 465 3.58 -29.80 20.75
CA ILE D 465 4.31 -28.57 20.43
C ILE D 465 4.99 -28.69 19.07
N LEU D 466 5.65 -29.82 18.81
CA LEU D 466 6.39 -29.99 17.56
C LEU D 466 5.48 -30.09 16.32
N ILE D 467 4.18 -30.33 16.51
CA ILE D 467 3.26 -30.17 15.39
C ILE D 467 2.89 -28.71 15.21
N MET D 468 2.66 -28.00 16.31
CA MET D 468 2.30 -26.59 16.24
C MET D 468 3.52 -25.67 16.12
N VAL D 469 4.68 -26.20 15.79
CA VAL D 469 5.82 -25.41 15.37
C VAL D 469 6.15 -25.65 13.91
N TRP D 470 6.01 -26.89 13.44
CA TRP D 470 6.17 -27.21 12.04
C TRP D 470 5.12 -26.52 11.17
N ARG D 471 3.95 -26.21 11.72
CA ARG D 471 2.97 -25.46 10.97
C ARG D 471 3.22 -23.96 11.00
N LYS D 472 4.01 -23.48 11.94
CA LYS D 472 4.35 -22.06 12.02
C LYS D 472 5.70 -21.76 11.40
N LEU D 473 6.40 -22.77 10.89
CA LEU D 473 7.75 -22.58 10.37
C LEU D 473 7.82 -22.73 8.86
N ILE D 474 6.92 -23.52 8.25
CA ILE D 474 6.88 -23.63 6.80
C ILE D 474 6.01 -22.57 6.16
N ARG D 475 5.40 -21.69 6.95
CA ARG D 475 4.69 -20.53 6.43
C ARG D 475 5.46 -19.24 6.61
N ASN D 476 6.42 -19.20 7.51
CA ASN D 476 7.20 -18.00 7.76
C ASN D 476 8.23 -17.83 6.65
N PRO D 477 8.23 -16.71 5.93
CA PRO D 477 9.16 -16.57 4.79
C PRO D 477 10.61 -16.44 5.20
N ASN D 478 10.90 -15.96 6.41
CA ASN D 478 12.29 -15.83 6.84
C ASN D 478 12.95 -17.17 7.11
N SER D 479 12.17 -18.22 7.34
CA SER D 479 12.73 -19.56 7.48
C SER D 479 13.20 -20.12 6.15
N TYR D 480 12.68 -19.62 5.03
CA TYR D 480 13.19 -19.98 3.72
C TYR D 480 14.34 -19.08 3.27
N SER D 481 14.61 -18.00 3.99
CA SER D 481 15.77 -17.19 3.66
C SER D 481 17.02 -17.77 4.30
N SER D 482 16.98 -18.02 5.61
CA SER D 482 18.13 -18.53 6.32
C SER D 482 18.43 -20.00 6.02
N LEU D 483 17.51 -20.72 5.38
CA LEU D 483 17.82 -22.10 5.03
C LEU D 483 18.67 -22.17 3.77
N PHE D 484 18.28 -21.42 2.74
CA PHE D 484 19.09 -21.39 1.52
C PHE D 484 20.30 -20.48 1.64
N GLY D 485 20.34 -19.63 2.66
CA GLY D 485 21.53 -18.80 2.86
C GLY D 485 22.70 -19.59 3.39
N ILE D 486 22.45 -20.48 4.36
CA ILE D 486 23.53 -21.26 4.95
C ILE D 486 23.97 -22.34 3.98
N THR D 487 23.04 -22.89 3.21
CA THR D 487 23.34 -23.99 2.30
C THR D 487 24.24 -23.54 1.15
N TRP D 488 23.99 -22.34 0.61
CA TRP D 488 24.87 -21.82 -0.42
C TRP D 488 26.22 -21.42 0.14
N SER D 489 26.25 -20.90 1.38
CA SER D 489 27.51 -20.43 1.94
C SER D 489 28.43 -21.55 2.35
N LEU D 490 27.91 -22.75 2.63
CA LEU D 490 28.77 -23.89 2.92
C LEU D 490 29.33 -24.49 1.65
N ILE D 491 28.65 -24.32 0.51
CA ILE D 491 29.16 -24.79 -0.76
C ILE D 491 30.18 -23.82 -1.32
N SER D 492 29.85 -22.53 -1.29
CA SER D 492 30.58 -21.54 -2.08
C SER D 492 31.98 -21.28 -1.52
N PHE D 493 32.12 -21.25 -0.20
CA PHE D 493 33.40 -20.91 0.41
C PHE D 493 34.30 -22.12 0.63
N LYS D 494 34.07 -23.21 -0.09
CA LYS D 494 35.02 -24.32 -0.12
C LYS D 494 35.57 -24.55 -1.52
N TRP D 495 34.72 -24.66 -2.53
CA TRP D 495 35.16 -24.83 -3.89
C TRP D 495 35.33 -23.50 -4.62
N ASN D 496 35.26 -22.38 -3.90
CA ASN D 496 35.52 -21.03 -4.39
C ASN D 496 34.59 -20.63 -5.54
N ILE D 497 33.38 -21.19 -5.57
CA ILE D 497 32.41 -20.82 -6.59
C ILE D 497 31.85 -19.45 -6.27
N GLU D 498 31.91 -18.54 -7.24
CA GLU D 498 31.28 -17.23 -7.11
C GLU D 498 29.89 -17.29 -7.74
N MET D 499 28.95 -16.62 -7.10
CA MET D 499 27.57 -16.63 -7.56
C MET D 499 27.45 -15.87 -8.88
N PRO D 500 26.76 -16.41 -9.88
CA PRO D 500 26.78 -15.80 -11.21
C PRO D 500 26.04 -14.48 -11.25
N ALA D 501 26.41 -13.66 -12.24
CA ALA D 501 25.91 -12.29 -12.31
C ALA D 501 24.46 -12.21 -12.77
N LEU D 502 23.93 -13.27 -13.39
CA LEU D 502 22.51 -13.27 -13.76
C LEU D 502 21.64 -13.43 -12.53
N ILE D 503 22.10 -14.17 -11.53
CA ILE D 503 21.33 -14.39 -10.31
C ILE D 503 21.64 -13.33 -9.27
N ALA D 504 22.92 -12.92 -9.17
CA ALA D 504 23.32 -11.95 -8.17
C ALA D 504 22.72 -10.57 -8.45
N LYS D 505 22.60 -10.19 -9.72
CA LYS D 505 21.91 -8.96 -10.05
C LYS D 505 20.41 -9.10 -10.04
N SER D 506 19.88 -10.33 -10.05
CA SER D 506 18.45 -10.52 -9.95
C SER D 506 17.95 -10.26 -8.54
N ILE D 507 18.80 -10.53 -7.54
CA ILE D 507 18.43 -10.30 -6.15
C ILE D 507 18.80 -8.88 -5.72
N SER D 508 19.87 -8.32 -6.28
CA SER D 508 20.34 -6.99 -5.88
C SER D 508 19.47 -5.86 -6.39
N ILE D 509 18.38 -6.14 -7.12
CA ILE D 509 17.44 -5.09 -7.50
C ILE D 509 16.34 -4.94 -6.45
N LEU D 510 16.04 -5.99 -5.69
CA LEU D 510 15.10 -5.89 -4.58
C LEU D 510 15.79 -5.69 -3.23
N SER D 511 16.99 -6.23 -3.05
CA SER D 511 17.67 -6.10 -1.76
C SER D 511 18.15 -4.68 -1.52
N ASP D 512 18.47 -3.94 -2.59
CA ASP D 512 18.79 -2.52 -2.42
C ASP D 512 17.57 -1.69 -2.11
N ALA D 513 16.37 -2.20 -2.40
CA ALA D 513 15.12 -1.60 -1.98
C ALA D 513 14.63 -2.15 -0.65
N GLY D 514 15.53 -2.63 0.19
CA GLY D 514 15.13 -3.25 1.43
C GLY D 514 15.44 -2.43 2.66
N LEU D 515 16.59 -1.76 2.68
CA LEU D 515 17.00 -1.04 3.87
C LEU D 515 16.31 0.32 3.96
N GLY D 516 16.04 0.96 2.83
CA GLY D 516 15.35 2.24 2.84
C GLY D 516 13.88 2.07 3.11
N MET D 517 13.28 1.01 2.56
CA MET D 517 11.87 0.76 2.77
C MET D 517 11.56 0.28 4.17
N ALA D 518 12.53 -0.35 4.84
CA ALA D 518 12.29 -0.82 6.20
C ALA D 518 12.23 0.34 7.17
N MET D 519 13.11 1.33 7.02
CA MET D 519 12.99 2.55 7.80
C MET D 519 11.81 3.41 7.36
N PHE D 520 11.30 3.20 6.15
CA PHE D 520 10.10 3.92 5.75
C PHE D 520 8.84 3.21 6.23
N SER D 521 8.91 1.89 6.38
CA SER D 521 7.78 1.17 6.96
C SER D 521 7.72 1.34 8.47
N LEU D 522 8.88 1.46 9.12
CA LEU D 522 8.89 1.69 10.56
C LEU D 522 8.44 3.09 10.91
N GLY D 523 8.67 4.06 10.01
CA GLY D 523 8.22 5.41 10.27
C GLY D 523 6.72 5.57 10.17
N LEU D 524 6.07 4.70 9.39
CA LEU D 524 4.61 4.73 9.33
C LEU D 524 4.01 4.17 10.61
N PHE D 525 4.73 3.30 11.31
CA PHE D 525 4.19 2.65 12.48
C PHE D 525 4.10 3.59 13.68
N MET D 526 4.98 4.58 13.75
CA MET D 526 4.96 5.51 14.87
C MET D 526 3.97 6.66 14.67
N ALA D 527 3.01 6.50 13.76
CA ALA D 527 1.88 7.42 13.65
C ALA D 527 0.55 6.71 13.63
N LEU D 528 0.52 5.39 13.44
CA LEU D 528 -0.75 4.66 13.52
C LEU D 528 -1.23 4.54 14.96
N ASN D 529 -0.32 4.56 15.92
CA ASN D 529 -0.72 4.51 17.32
C ASN D 529 -1.35 5.83 17.73
N PRO D 530 -2.30 5.79 18.68
CA PRO D 530 -2.87 7.04 19.19
C PRO D 530 -1.86 7.85 19.99
N ARG D 531 -1.10 7.22 20.87
CA ARG D 531 -0.11 7.89 21.70
C ARG D 531 1.22 7.16 21.58
N ILE D 532 2.30 7.91 21.79
CA ILE D 532 3.63 7.30 21.80
C ILE D 532 3.80 6.46 23.06
N ILE D 533 3.61 7.07 24.22
CA ILE D 533 3.65 6.36 25.50
C ILE D 533 2.24 5.88 25.79
N ALA D 534 2.02 4.57 25.71
CA ALA D 534 0.68 3.99 25.72
C ALA D 534 0.30 3.45 27.09
N CYS D 535 1.11 2.53 27.64
CA CYS D 535 0.76 1.88 28.90
C CYS D 535 1.04 2.74 30.12
N GLY D 536 1.72 3.87 29.97
CA GLY D 536 1.93 4.78 31.08
C GLY D 536 3.37 5.24 31.24
N ASN D 537 3.56 6.34 31.97
CA ASN D 537 4.88 6.87 32.25
C ASN D 537 5.60 6.14 33.38
N ARG D 538 4.97 5.13 33.98
CA ARG D 538 5.61 4.30 34.98
C ARG D 538 6.14 3.00 34.42
N ARG D 539 5.84 2.69 33.15
CA ARG D 539 6.38 1.51 32.50
C ARG D 539 7.12 1.81 31.21
N ALA D 540 7.01 3.02 30.65
CA ALA D 540 7.80 3.36 29.49
C ALA D 540 9.26 3.54 29.86
N ALA D 541 9.54 4.09 31.04
CA ALA D 541 10.90 4.17 31.54
C ALA D 541 11.42 2.83 32.02
N PHE D 542 10.51 1.88 32.29
CA PHE D 542 10.93 0.52 32.60
C PHE D 542 11.47 -0.18 31.36
N ALA D 543 10.99 0.21 30.18
CA ALA D 543 11.49 -0.38 28.94
C ALA D 543 12.93 0.02 28.68
N ALA D 544 13.26 1.29 28.88
CA ALA D 544 14.64 1.76 28.75
C ALA D 544 15.48 1.48 29.99
N ALA D 545 14.96 0.69 30.93
CA ALA D 545 15.75 0.24 32.07
C ALA D 545 16.21 -1.20 31.93
N MET D 546 15.47 -2.02 31.19
CA MET D 546 15.85 -3.40 30.93
C MET D 546 16.46 -3.56 29.55
N ARG D 547 16.85 -2.48 28.90
CA ARG D 547 17.38 -2.54 27.54
C ARG D 547 18.72 -1.84 27.39
N PHE D 548 18.93 -0.72 28.07
CA PHE D 548 20.19 -0.01 27.99
C PHE D 548 21.06 -0.20 29.23
N VAL D 549 20.59 -0.93 30.24
CA VAL D 549 21.37 -1.14 31.44
C VAL D 549 21.59 -2.63 31.67
N VAL D 550 20.51 -3.38 31.87
CA VAL D 550 20.63 -4.80 32.20
C VAL D 550 21.08 -5.59 30.97
N GLY D 551 20.78 -5.08 29.78
CA GLY D 551 21.29 -5.63 28.55
C GLY D 551 22.81 -5.59 28.42
N PRO D 552 23.40 -4.39 28.36
CA PRO D 552 24.86 -4.32 28.16
C PRO D 552 25.67 -4.77 29.36
N ALA D 553 25.24 -4.44 30.59
CA ALA D 553 26.09 -4.71 31.75
C ALA D 553 26.18 -6.18 32.11
N VAL D 554 25.36 -7.04 31.52
CA VAL D 554 25.55 -8.46 31.72
C VAL D 554 26.48 -9.04 30.65
N MET D 555 26.69 -8.33 29.53
CA MET D 555 27.75 -8.73 28.62
C MET D 555 29.12 -8.20 29.04
N LEU D 556 29.17 -7.20 29.91
CA LEU D 556 30.45 -6.77 30.43
C LEU D 556 31.06 -7.81 31.37
N VAL D 557 30.23 -8.65 31.99
CA VAL D 557 30.70 -9.75 32.82
C VAL D 557 30.66 -11.08 32.07
N ALA D 558 30.00 -11.13 30.91
CA ALA D 558 30.05 -12.32 30.06
C ALA D 558 31.13 -12.21 29.00
N SER D 559 31.99 -11.20 29.08
CA SER D 559 33.12 -11.07 28.18
C SER D 559 34.46 -11.23 28.85
N TYR D 560 34.56 -10.94 30.16
CA TYR D 560 35.76 -11.28 30.89
C TYR D 560 35.93 -12.79 31.00
N ALA D 561 34.82 -13.54 31.04
CA ALA D 561 34.90 -14.99 31.17
C ALA D 561 35.44 -15.62 29.90
N VAL D 562 34.93 -15.20 28.75
CA VAL D 562 35.34 -15.82 27.50
C VAL D 562 36.72 -15.32 27.09
N GLY D 563 37.04 -14.06 27.40
CA GLY D 563 38.36 -13.55 27.12
C GLY D 563 38.44 -12.58 25.95
N LEU D 564 37.46 -11.69 25.85
CA LEU D 564 37.46 -10.64 24.84
C LEU D 564 38.02 -9.37 25.46
N ARG D 565 39.16 -8.91 24.96
CA ARG D 565 39.76 -7.65 25.39
C ARG D 565 40.06 -6.79 24.17
N GLY D 566 40.45 -5.55 24.44
CA GLY D 566 40.90 -4.66 23.39
C GLY D 566 39.81 -4.06 22.54
N VAL D 567 39.71 -4.52 21.29
CA VAL D 567 38.77 -3.96 20.33
C VAL D 567 37.48 -4.76 20.29
N LEU D 568 37.57 -6.08 20.44
CA LEU D 568 36.36 -6.92 20.47
C LEU D 568 35.51 -6.66 21.69
N LEU D 569 36.11 -6.19 22.78
CA LEU D 569 35.34 -5.88 23.98
C LEU D 569 34.45 -4.67 23.75
N HIS D 570 34.93 -3.68 23.00
CA HIS D 570 34.14 -2.48 22.76
C HIS D 570 33.02 -2.74 21.78
N VAL D 571 33.22 -3.65 20.83
CA VAL D 571 32.18 -3.94 19.84
C VAL D 571 31.09 -4.83 20.46
N ALA D 572 31.45 -5.66 21.45
CA ALA D 572 30.46 -6.52 22.06
C ALA D 572 29.54 -5.74 22.99
N ILE D 573 30.05 -4.70 23.66
CA ILE D 573 29.23 -3.92 24.57
C ILE D 573 28.27 -3.03 23.78
N ILE D 574 28.76 -2.40 22.71
CA ILE D 574 27.95 -1.45 21.96
C ILE D 574 26.82 -2.15 21.21
N GLN D 575 27.03 -3.39 20.76
CA GLN D 575 25.99 -4.09 20.02
C GLN D 575 24.88 -4.62 20.92
N ALA D 576 25.00 -4.48 22.23
CA ALA D 576 23.91 -4.81 23.13
C ALA D 576 23.07 -3.61 23.50
N ALA D 577 23.58 -2.40 23.32
CA ALA D 577 22.83 -1.19 23.62
C ALA D 577 22.05 -0.66 22.44
N LEU D 578 21.92 -1.45 21.38
CA LEU D 578 21.11 -1.09 20.23
C LEU D 578 19.63 -1.10 20.61
N PRO D 579 18.78 -0.36 19.90
CA PRO D 579 17.35 -0.33 20.25
C PRO D 579 16.65 -1.63 19.93
N GLN D 580 15.41 -1.71 20.38
CA GLN D 580 14.64 -2.95 20.36
C GLN D 580 14.31 -3.37 18.93
N GLY D 581 14.42 -4.68 18.67
CA GLY D 581 14.09 -5.21 17.36
C GLY D 581 12.59 -5.22 17.11
N ILE D 582 12.25 -5.51 15.85
CA ILE D 582 10.85 -5.47 15.45
C ILE D 582 10.26 -6.88 15.45
N VAL D 583 11.09 -7.91 15.22
CA VAL D 583 10.61 -9.29 15.27
C VAL D 583 10.10 -9.71 16.64
N PRO D 584 10.69 -9.31 17.79
CA PRO D 584 9.99 -9.56 19.07
C PRO D 584 8.68 -8.81 19.22
N PHE D 585 8.32 -7.89 18.38
CA PHE D 585 7.03 -7.31 18.53
C PHE D 585 6.15 -8.17 17.78
N VAL D 586 6.52 -8.60 16.63
CA VAL D 586 5.60 -9.33 15.76
C VAL D 586 5.01 -10.53 16.48
N PHE D 587 5.80 -11.19 17.32
CA PHE D 587 5.29 -12.30 18.12
C PHE D 587 4.27 -11.83 19.15
N ALA D 588 4.55 -10.72 19.84
CA ALA D 588 3.67 -10.27 20.90
C ALA D 588 2.37 -9.69 20.39
N LYS D 589 2.27 -9.38 19.10
CA LYS D 589 1.02 -8.90 18.55
C LYS D 589 0.08 -10.05 18.19
N GLU D 590 0.63 -11.19 17.76
CA GLU D 590 -0.21 -12.33 17.42
C GLU D 590 -0.73 -13.04 18.66
N TYR D 591 0.14 -13.28 19.64
CA TYR D 591 -0.21 -14.09 20.79
C TYR D 591 -0.76 -13.28 21.96
N ASN D 592 -0.82 -11.96 21.83
CA ASN D 592 -1.38 -11.03 22.84
C ASN D 592 -0.68 -11.14 24.19
N VAL D 593 0.63 -11.30 24.17
CA VAL D 593 1.42 -11.32 25.40
C VAL D 593 2.07 -9.94 25.49
N HIS D 594 1.35 -9.01 26.14
CA HIS D 594 1.71 -7.60 26.34
C HIS D 594 2.12 -6.89 25.07
N PRO D 595 1.18 -6.56 24.17
CA PRO D 595 1.56 -5.81 22.98
C PRO D 595 1.80 -4.34 23.23
N ASP D 596 1.36 -3.81 24.37
CA ASP D 596 1.49 -2.38 24.61
C ASP D 596 2.89 -1.99 25.09
N ILE D 597 3.61 -2.92 25.74
CA ILE D 597 4.94 -2.59 26.23
C ILE D 597 5.95 -2.59 25.09
N LEU D 598 5.93 -3.63 24.26
CA LEU D 598 6.86 -3.70 23.14
C LEU D 598 6.55 -2.69 22.05
N SER D 599 5.31 -2.21 21.95
CA SER D 599 5.02 -1.13 21.02
C SER D 599 5.61 0.19 21.49
N THR D 600 5.84 0.35 22.79
CA THR D 600 6.50 1.54 23.30
C THR D 600 8.00 1.47 23.13
N ALA D 601 8.60 0.32 23.43
CA ALA D 601 10.05 0.20 23.46
C ALA D 601 10.68 0.27 22.08
N VAL D 602 9.93 -0.03 21.02
CA VAL D 602 10.48 0.12 19.68
C VAL D 602 10.51 1.59 19.27
N ILE D 603 9.41 2.30 19.48
CA ILE D 603 9.30 3.68 19.01
C ILE D 603 10.12 4.61 19.89
N PHE D 604 9.97 4.50 21.21
CA PHE D 604 10.79 5.30 22.12
C PHE D 604 12.24 4.85 22.12
N GLY D 605 12.52 3.61 21.73
CA GLY D 605 13.90 3.17 21.61
C GLY D 605 14.64 3.80 20.45
N MET D 606 13.93 4.10 19.36
CA MET D 606 14.57 4.71 18.20
C MET D 606 14.94 6.17 18.46
N LEU D 607 14.16 6.86 19.27
CA LEU D 607 14.38 8.30 19.46
C LEU D 607 15.53 8.61 20.41
N ILE D 608 16.00 7.63 21.19
CA ILE D 608 17.13 7.82 22.07
C ILE D 608 18.27 6.87 21.75
N ALA D 609 18.19 6.15 20.62
CA ALA D 609 19.22 5.19 20.27
C ALA D 609 20.54 5.89 19.92
N LEU D 610 20.45 7.04 19.26
CA LEU D 610 21.66 7.76 18.89
C LEU D 610 22.38 8.43 20.08
N PRO D 611 21.74 9.24 20.94
CA PRO D 611 22.52 9.91 21.98
C PRO D 611 22.87 9.05 23.18
N ILE D 612 22.64 7.74 23.14
CA ILE D 612 23.04 6.84 24.22
C ILE D 612 24.22 5.97 23.81
N THR D 613 24.18 5.39 22.61
CA THR D 613 25.33 4.61 22.13
C THR D 613 26.54 5.50 21.89
N LEU D 614 26.32 6.78 21.55
CA LEU D 614 27.43 7.71 21.41
C LEU D 614 28.09 7.99 22.76
N LEU D 615 27.33 7.88 23.86
CA LEU D 615 27.95 7.98 25.17
C LEU D 615 28.84 6.77 25.46
N TYR D 616 28.46 5.59 24.97
CA TYR D 616 29.30 4.42 25.17
C TYR D 616 30.54 4.45 24.28
N TYR D 617 30.50 5.17 23.16
CA TYR D 617 31.70 5.31 22.34
C TYR D 617 32.74 6.19 23.01
N ILE D 618 32.30 7.19 23.77
CA ILE D 618 33.22 8.10 24.42
C ILE D 618 33.81 7.47 25.68
N LEU D 619 32.97 6.84 26.49
CA LEU D 619 33.42 6.30 27.77
C LEU D 619 34.27 5.05 27.63
N LEU D 620 34.22 4.37 26.48
CA LEU D 620 35.14 3.27 26.24
C LEU D 620 36.45 3.71 25.60
N GLY D 621 36.48 4.91 25.02
CA GLY D 621 37.70 5.42 24.43
C GLY D 621 38.64 6.13 25.37
N LEU D 622 38.43 5.99 26.68
CA LEU D 622 39.27 6.66 27.66
C LEU D 622 39.90 5.67 28.62
C1 NPS E . 4.75 5.07 -12.19
O2 NPS E . 3.96 4.14 -11.60
C2 NPS E . 4.49 6.44 -12.09
C14 NPS E . 9.31 8.46 -15.45
C3 NPS E . 5.31 7.38 -12.70
C4 NPS E . 6.42 6.97 -13.42
C5 NPS E . 6.68 5.53 -13.53
C6 NPS E . 5.82 4.62 -12.90
C7 NPS E . 7.24 7.91 -14.03
C8 NPS E . 8.36 7.50 -14.77
C10 NPS E . 9.05 9.92 -15.08
C13 NPS E . 7.80 5.15 -14.27
C11 NPS E . 8.59 6.13 -14.84
C12 NPS E . 2.93 4.50 -10.69
O NPS E . 9.18 8.94 -18.20
OXT NPS E . 9.53 7.08 -17.48
C15 NPS E . 9.32 8.22 -17.07
C1 NPS F . 9.15 -4.99 9.35
O2 NPS F . 8.19 -4.05 9.12
C2 NPS F . 8.90 -6.36 9.37
C14 NPS F . 14.68 -8.31 10.59
C3 NPS F . 9.90 -7.29 9.61
C4 NPS F . 11.19 -6.86 9.84
C5 NPS F . 11.46 -5.41 9.85
C6 NPS F . 10.41 -4.51 9.59
C7 NPS F . 12.22 -7.78 10.08
C8 NPS F . 13.52 -7.36 10.33
C10 NPS F . 14.30 -9.77 10.34
C13 NPS F . 12.77 -5.02 10.11
C11 NPS F . 13.74 -5.98 10.31
C12 NPS F . 6.89 -4.43 8.68
O NPS F . 15.62 -8.78 13.17
OXT NPS F . 15.64 -6.91 12.38
C15 NPS F . 15.31 -8.07 12.09
#